data_1DXZ
#
_entry.id   1DXZ
#
_cell.length_a   1.000
_cell.length_b   1.000
_cell.length_c   1.000
_cell.angle_alpha   90.00
_cell.angle_beta   90.00
_cell.angle_gamma   90.00
#
_symmetry.space_group_name_H-M   'P 1'
#
_entity_poly.entity_id   1
_entity_poly.type   'polypeptide(L)'
_entity_poly.pdbx_seq_one_letter_code
;PTDSGEKMTLSISVLLSLTVFLLVIVELIPST(NH2)
;
_entity_poly.pdbx_strand_id   A
#
loop_
_chem_comp.id
_chem_comp.type
_chem_comp.name
_chem_comp.formula
NH2 non-polymer 'AMINO GROUP' 'H2 N'
#
# COMPACT_ATOMS: atom_id res chain seq x y z
N PRO A 1 2.33 22.85 6.61
CA PRO A 1 3.47 22.07 7.03
C PRO A 1 3.73 20.91 6.07
N THR A 2 4.42 21.22 4.99
CA THR A 2 4.77 20.21 4.00
C THR A 2 6.26 20.28 3.65
N ASP A 3 6.96 19.22 4.00
CA ASP A 3 8.40 19.18 3.82
C ASP A 3 8.72 18.79 2.38
N SER A 4 8.05 17.74 1.92
CA SER A 4 8.31 17.21 0.60
C SER A 4 7.12 16.38 0.12
N GLY A 5 6.03 17.08 -0.17
CA GLY A 5 4.82 16.42 -0.64
C GLY A 5 4.44 15.27 0.29
N GLU A 6 4.46 15.55 1.59
CA GLU A 6 4.14 14.55 2.59
C GLU A 6 2.64 14.26 2.59
N LYS A 7 1.87 15.34 2.71
CA LYS A 7 0.43 15.24 2.66
C LYS A 7 0.01 14.64 1.31
N MET A 8 0.72 15.06 0.27
CA MET A 8 0.45 14.56 -1.07
C MET A 8 0.67 13.05 -1.16
N THR A 9 1.84 12.63 -0.69
CA THR A 9 2.21 11.22 -0.74
C THR A 9 1.24 10.39 0.12
N LEU A 10 0.80 11.00 1.20
CA LEU A 10 -0.18 10.36 2.07
C LEU A 10 -1.50 10.20 1.31
N SER A 11 -1.87 11.27 0.61
CA SER A 11 -3.12 11.26 -0.15
C SER A 11 -3.10 10.12 -1.17
N ILE A 12 -1.94 9.93 -1.79
CA ILE A 12 -1.78 8.88 -2.77
C ILE A 12 -1.79 7.53 -2.06
N SER A 13 -1.01 7.45 -0.99
CA SER A 13 -0.84 6.19 -0.29
C SER A 13 -2.20 5.64 0.15
N VAL A 14 -3.12 6.55 0.40
CA VAL A 14 -4.43 6.17 0.91
C VAL A 14 -5.38 5.95 -0.27
N LEU A 15 -5.50 6.98 -1.09
CA LEU A 15 -6.52 6.99 -2.13
C LEU A 15 -6.20 5.90 -3.17
N LEU A 16 -4.90 5.66 -3.34
CA LEU A 16 -4.45 4.69 -4.31
C LEU A 16 -4.83 3.29 -3.85
N SER A 17 -4.60 3.04 -2.57
CA SER A 17 -4.98 1.77 -1.97
C SER A 17 -6.51 1.65 -1.91
N LEU A 18 -7.15 2.80 -1.77
CA LEU A 18 -8.61 2.85 -1.74
C LEU A 18 -9.15 2.53 -3.13
N THR A 19 -8.46 3.04 -4.13
CA THR A 19 -8.88 2.86 -5.51
C THR A 19 -8.65 1.41 -5.95
N VAL A 20 -7.54 0.86 -5.49
CA VAL A 20 -7.22 -0.53 -5.77
C VAL A 20 -8.24 -1.43 -5.08
N PHE A 21 -8.52 -1.10 -3.83
CA PHE A 21 -9.51 -1.85 -3.07
C PHE A 21 -10.90 -1.72 -3.68
N LEU A 22 -11.18 -0.53 -4.21
CA LEU A 22 -12.43 -0.30 -4.91
C LEU A 22 -12.47 -1.17 -6.17
N LEU A 23 -11.32 -1.23 -6.84
CA LEU A 23 -11.19 -2.08 -8.01
C LEU A 23 -11.51 -3.53 -7.62
N VAL A 24 -10.87 -3.98 -6.54
CA VAL A 24 -11.06 -5.33 -6.06
C VAL A 24 -12.54 -5.58 -5.81
N ILE A 25 -13.19 -4.56 -5.26
CA ILE A 25 -14.61 -4.67 -4.92
C ILE A 25 -15.41 -4.85 -6.21
N VAL A 26 -15.03 -4.09 -7.23
CA VAL A 26 -15.75 -4.11 -8.49
C VAL A 26 -15.54 -5.45 -9.18
N GLU A 27 -14.40 -6.07 -8.87
CA GLU A 27 -14.07 -7.35 -9.46
C GLU A 27 -14.87 -8.47 -8.81
N LEU A 28 -15.10 -8.33 -7.50
CA LEU A 28 -15.70 -9.39 -6.72
C LEU A 28 -17.22 -9.25 -6.78
N ILE A 29 -17.67 -8.02 -6.92
CA ILE A 29 -19.09 -7.72 -6.83
C ILE A 29 -19.87 -8.61 -7.80
N PRO A 30 -19.40 -8.60 -9.08
CA PRO A 30 -20.08 -9.34 -10.12
C PRO A 30 -19.82 -10.83 -10.01
N SER A 31 -19.15 -11.20 -8.91
CA SER A 31 -18.84 -12.60 -8.66
C SER A 31 -19.76 -13.15 -7.58
N THR A 32 -20.07 -12.29 -6.62
CA THR A 32 -21.01 -12.65 -5.56
C THR A 32 -22.45 -12.58 -6.09
N NH2 A 33 -22.83 -13.63 -6.79
HN1 NH2 A 33 -22.18 -14.42 -6.96
HN2 NH2 A 33 -23.79 -13.67 -7.18
N PRO A 1 11.71 9.25 -3.10
CA PRO A 1 12.26 10.42 -2.43
C PRO A 1 12.74 10.06 -1.02
N THR A 2 13.49 8.97 -0.95
CA THR A 2 13.97 8.47 0.33
C THR A 2 15.11 9.34 0.85
N ASP A 3 15.27 9.32 2.16
CA ASP A 3 16.36 10.06 2.79
C ASP A 3 16.19 11.56 2.50
N SER A 4 14.96 11.94 2.21
CA SER A 4 14.66 13.31 1.85
C SER A 4 13.26 13.70 2.35
N GLY A 5 12.28 12.94 1.88
CA GLY A 5 10.91 13.14 2.33
C GLY A 5 10.67 12.40 3.65
N GLU A 6 10.92 11.10 3.63
CA GLU A 6 10.86 10.30 4.84
C GLU A 6 9.39 10.13 5.28
N LYS A 7 8.80 11.23 5.69
CA LYS A 7 7.38 11.26 6.00
C LYS A 7 6.59 10.79 4.78
N MET A 8 7.11 11.13 3.60
CA MET A 8 6.52 10.67 2.36
C MET A 8 6.76 9.18 2.16
N THR A 9 7.97 8.74 2.48
CA THR A 9 8.31 7.34 2.39
C THR A 9 7.34 6.50 3.25
N LEU A 10 6.98 7.07 4.38
CA LEU A 10 6.00 6.43 5.25
C LEU A 10 4.66 6.30 4.51
N SER A 11 4.28 7.38 3.86
CA SER A 11 3.02 7.42 3.14
C SER A 11 3.00 6.32 2.07
N ILE A 12 4.16 6.11 1.46
CA ILE A 12 4.30 5.07 0.45
C ILE A 12 4.24 3.70 1.14
N SER A 13 4.98 3.58 2.23
CA SER A 13 5.08 2.31 2.93
C SER A 13 3.68 1.82 3.35
N VAL A 14 2.81 2.79 3.59
CA VAL A 14 1.47 2.48 4.08
C VAL A 14 0.53 2.28 2.88
N LEU A 15 0.46 3.30 2.05
CA LEU A 15 -0.52 3.32 0.97
C LEU A 15 -0.20 2.20 -0.02
N LEU A 16 1.09 2.00 -0.25
CA LEU A 16 1.54 0.99 -1.21
C LEU A 16 1.17 -0.40 -0.68
N SER A 17 1.37 -0.58 0.62
CA SER A 17 1.01 -1.83 1.26
C SER A 17 -0.50 -2.01 1.26
N LEU A 18 -1.19 -0.89 1.41
CA LEU A 18 -2.64 -0.90 1.41
C LEU A 18 -3.16 -1.25 0.01
N THR A 19 -2.46 -0.73 -0.99
CA THR A 19 -2.85 -0.93 -2.37
C THR A 19 -2.56 -2.37 -2.79
N VAL A 20 -1.45 -2.89 -2.31
CA VAL A 20 -1.07 -4.27 -2.58
C VAL A 20 -2.07 -5.20 -1.88
N PHE A 21 -2.40 -4.86 -0.65
CA PHE A 21 -3.37 -5.63 0.11
C PHE A 21 -4.76 -5.54 -0.53
N LEU A 22 -5.05 -4.37 -1.06
CA LEU A 22 -6.30 -4.18 -1.78
C LEU A 22 -6.30 -5.05 -3.04
N LEU A 23 -5.15 -5.08 -3.70
CA LEU A 23 -4.97 -5.94 -4.86
C LEU A 23 -5.24 -7.40 -4.46
N VAL A 24 -4.60 -7.80 -3.37
CA VAL A 24 -4.72 -9.17 -2.88
C VAL A 24 -6.20 -9.48 -2.65
N ILE A 25 -6.92 -8.47 -2.17
CA ILE A 25 -8.33 -8.64 -1.88
C ILE A 25 -9.10 -8.81 -3.19
N VAL A 26 -8.68 -8.05 -4.19
CA VAL A 26 -9.37 -8.07 -5.47
C VAL A 26 -9.06 -9.40 -6.18
N GLU A 27 -7.98 -10.03 -5.73
CA GLU A 27 -7.63 -11.35 -6.24
C GLU A 27 -8.52 -12.42 -5.60
N LEU A 28 -8.72 -12.28 -4.30
CA LEU A 28 -9.38 -13.32 -3.53
C LEU A 28 -10.89 -13.22 -3.74
N ILE A 29 -11.35 -11.99 -3.96
CA ILE A 29 -12.76 -11.75 -4.16
C ILE A 29 -13.31 -12.72 -5.22
N PRO A 30 -12.66 -12.69 -6.41
CA PRO A 30 -12.92 -13.68 -7.43
C PRO A 30 -12.28 -15.02 -7.07
N SER A 31 -12.84 -15.66 -6.05
CA SER A 31 -12.39 -16.98 -5.66
C SER A 31 -13.34 -17.57 -4.61
N THR A 32 -13.64 -16.76 -3.62
CA THR A 32 -14.51 -17.19 -2.53
C THR A 32 -15.98 -17.15 -2.97
N NH2 A 33 -16.81 -17.90 -2.26
HN1 NH2 A 33 -16.44 -18.45 -1.47
HN2 NH2 A 33 -17.81 -17.92 -2.49
N PRO A 1 17.28 8.23 1.02
CA PRO A 1 17.43 7.52 2.28
C PRO A 1 16.29 7.88 3.24
N THR A 2 16.17 7.06 4.27
CA THR A 2 15.18 7.31 5.31
C THR A 2 15.64 8.47 6.21
N ASP A 3 15.22 9.67 5.83
CA ASP A 3 15.66 10.86 6.53
C ASP A 3 15.20 12.10 5.75
N SER A 4 15.43 12.05 4.45
CA SER A 4 15.15 13.20 3.59
C SER A 4 13.64 13.33 3.38
N GLY A 5 12.97 12.18 3.36
CA GLY A 5 11.54 12.14 3.08
C GLY A 5 10.85 11.07 3.92
N GLU A 6 10.90 11.27 5.23
CA GLU A 6 10.34 10.28 6.15
C GLU A 6 8.84 10.15 5.95
N LYS A 7 8.15 11.28 6.11
CA LYS A 7 6.70 11.29 6.01
C LYS A 7 6.29 10.77 4.63
N MET A 8 7.03 11.20 3.63
CA MET A 8 6.72 10.81 2.26
C MET A 8 6.87 9.29 2.07
N THR A 9 8.01 8.79 2.51
CA THR A 9 8.31 7.37 2.34
C THR A 9 7.36 6.51 3.18
N LEU A 10 6.90 7.10 4.27
CA LEU A 10 5.92 6.45 5.12
C LEU A 10 4.60 6.32 4.36
N SER A 11 4.22 7.40 3.70
CA SER A 11 3.00 7.42 2.92
C SER A 11 3.03 6.30 1.87
N ILE A 12 4.21 6.09 1.31
CA ILE A 12 4.39 5.05 0.32
C ILE A 12 4.35 3.68 1.00
N SER A 13 5.09 3.58 2.10
CA SER A 13 5.21 2.33 2.81
C SER A 13 3.84 1.82 3.23
N VAL A 14 2.94 2.76 3.44
CA VAL A 14 1.60 2.43 3.92
C VAL A 14 0.67 2.23 2.72
N LEU A 15 0.59 3.25 1.89
CA LEU A 15 -0.40 3.26 0.82
C LEU A 15 -0.09 2.16 -0.18
N LEU A 16 1.20 2.02 -0.48
CA LEU A 16 1.65 1.04 -1.46
C LEU A 16 1.30 -0.37 -0.96
N SER A 17 1.63 -0.60 0.30
CA SER A 17 1.33 -1.88 0.92
C SER A 17 -0.18 -2.07 1.02
N LEU A 18 -0.88 -0.97 1.21
CA LEU A 18 -2.32 -1.00 1.34
C LEU A 18 -2.94 -1.31 -0.03
N THR A 19 -2.28 -0.82 -1.07
CA THR A 19 -2.75 -1.04 -2.42
C THR A 19 -2.49 -2.49 -2.85
N VAL A 20 -1.34 -3.00 -2.40
CA VAL A 20 -0.99 -4.38 -2.67
C VAL A 20 -1.98 -5.30 -1.94
N PHE A 21 -2.28 -4.93 -0.70
CA PHE A 21 -3.24 -5.68 0.10
C PHE A 21 -4.64 -5.59 -0.52
N LEU A 22 -4.94 -4.41 -1.05
CA LEU A 22 -6.20 -4.20 -1.75
C LEU A 22 -6.24 -5.07 -3.00
N LEU A 23 -5.08 -5.18 -3.64
CA LEU A 23 -4.95 -6.05 -4.80
C LEU A 23 -5.25 -7.49 -4.38
N VAL A 24 -4.57 -7.93 -3.33
CA VAL A 24 -4.77 -9.28 -2.82
C VAL A 24 -6.27 -9.52 -2.58
N ILE A 25 -6.92 -8.49 -2.06
CA ILE A 25 -8.34 -8.59 -1.74
C ILE A 25 -9.14 -8.73 -3.04
N VAL A 26 -8.73 -7.95 -4.03
CA VAL A 26 -9.46 -7.93 -5.30
C VAL A 26 -9.26 -9.25 -6.02
N GLU A 27 -8.19 -9.95 -5.64
CA GLU A 27 -7.92 -11.26 -6.20
C GLU A 27 -8.79 -12.33 -5.52
N LEU A 28 -8.94 -12.16 -4.21
CA LEU A 28 -9.60 -13.19 -3.40
C LEU A 28 -11.11 -12.97 -3.44
N ILE A 29 -11.49 -11.72 -3.66
CA ILE A 29 -12.91 -11.37 -3.64
C ILE A 29 -13.66 -12.23 -4.66
N PRO A 30 -13.12 -12.23 -5.91
CA PRO A 30 -13.74 -12.99 -6.99
C PRO A 30 -13.45 -14.49 -6.83
N SER A 31 -12.86 -14.82 -5.69
CA SER A 31 -12.51 -16.20 -5.42
C SER A 31 -13.40 -16.77 -4.31
N THR A 32 -14.35 -15.96 -3.89
CA THR A 32 -15.33 -16.39 -2.91
C THR A 32 -16.20 -17.51 -3.48
N NH2 A 33 -16.78 -18.28 -2.58
HN1 NH2 A 33 -16.63 -18.10 -1.57
HN2 NH2 A 33 -17.38 -19.06 -2.87
N PRO A 1 10.23 18.07 12.52
CA PRO A 1 10.03 16.83 11.80
C PRO A 1 11.30 15.97 11.81
N THR A 2 11.14 14.74 11.38
CA THR A 2 12.27 13.81 11.33
C THR A 2 13.02 13.95 10.01
N ASP A 3 12.27 14.29 8.97
CA ASP A 3 12.84 14.36 7.63
C ASP A 3 11.71 14.37 6.60
N SER A 4 11.74 15.38 5.75
CA SER A 4 10.65 15.60 4.81
C SER A 4 10.33 14.31 4.05
N GLY A 5 11.39 13.66 3.58
CA GLY A 5 11.24 12.54 2.68
C GLY A 5 10.84 11.27 3.45
N GLU A 6 11.00 11.34 4.77
CA GLU A 6 10.60 10.24 5.63
C GLU A 6 9.08 10.17 5.71
N LYS A 7 8.46 11.34 5.75
CA LYS A 7 7.01 11.43 5.77
C LYS A 7 6.45 10.86 4.47
N MET A 8 7.15 11.18 3.37
CA MET A 8 6.75 10.68 2.06
C MET A 8 6.91 9.16 1.99
N THR A 9 8.07 8.69 2.42
CA THR A 9 8.36 7.27 2.39
C THR A 9 7.35 6.51 3.26
N LEU A 10 6.95 7.16 4.35
CA LEU A 10 5.93 6.59 5.21
C LEU A 10 4.63 6.42 4.43
N SER A 11 4.28 7.47 3.70
CA SER A 11 3.04 7.45 2.93
C SER A 11 3.05 6.30 1.94
N ILE A 12 4.22 6.07 1.35
CA ILE A 12 4.36 5.03 0.35
C ILE A 12 4.28 3.66 1.03
N SER A 13 5.06 3.51 2.09
CA SER A 13 5.17 2.22 2.77
C SER A 13 3.80 1.76 3.25
N VAL A 14 2.93 2.74 3.48
CA VAL A 14 1.61 2.46 4.01
C VAL A 14 0.63 2.25 2.85
N LEU A 15 0.52 3.26 2.01
CA LEU A 15 -0.49 3.27 0.97
C LEU A 15 -0.19 2.17 -0.04
N LEU A 16 1.09 2.00 -0.32
CA LEU A 16 1.52 1.01 -1.29
C LEU A 16 1.19 -0.40 -0.77
N SER A 17 1.44 -0.58 0.52
CA SER A 17 1.13 -1.84 1.17
C SER A 17 -0.39 -2.05 1.22
N LEU A 18 -1.09 -0.94 1.41
CA LEU A 18 -2.55 -0.97 1.46
C LEU A 18 -3.10 -1.32 0.08
N THR A 19 -2.44 -0.78 -0.93
CA THR A 19 -2.88 -0.98 -2.31
C THR A 19 -2.59 -2.40 -2.76
N VAL A 20 -1.43 -2.90 -2.33
CA VAL A 20 -1.06 -4.28 -2.64
C VAL A 20 -2.02 -5.24 -1.92
N PHE A 21 -2.30 -4.92 -0.67
CA PHE A 21 -3.22 -5.72 0.12
C PHE A 21 -4.63 -5.64 -0.46
N LEU A 22 -4.96 -4.46 -0.97
CA LEU A 22 -6.25 -4.27 -1.64
C LEU A 22 -6.28 -5.09 -2.92
N LEU A 23 -5.14 -5.14 -3.58
CA LEU A 23 -5.00 -5.96 -4.77
C LEU A 23 -5.24 -7.43 -4.40
N VAL A 24 -4.58 -7.86 -3.34
CA VAL A 24 -4.71 -9.24 -2.89
C VAL A 24 -6.20 -9.54 -2.64
N ILE A 25 -6.90 -8.54 -2.12
CA ILE A 25 -8.31 -8.69 -1.80
C ILE A 25 -9.11 -8.80 -3.10
N VAL A 26 -8.72 -7.99 -4.07
CA VAL A 26 -9.43 -7.94 -5.34
C VAL A 26 -9.18 -9.24 -6.11
N GLU A 27 -8.11 -9.92 -5.72
CA GLU A 27 -7.80 -11.22 -6.30
C GLU A 27 -8.68 -12.30 -5.67
N LEU A 28 -8.81 -12.22 -4.35
CA LEU A 28 -9.46 -13.28 -3.60
C LEU A 28 -10.98 -13.16 -3.77
N ILE A 29 -11.44 -11.91 -3.84
CA ILE A 29 -12.85 -11.65 -4.00
C ILE A 29 -13.43 -12.57 -5.08
N PRO A 30 -12.82 -12.47 -6.30
CA PRO A 30 -13.12 -13.41 -7.36
C PRO A 30 -12.46 -14.76 -7.10
N SER A 31 -12.95 -15.43 -6.07
CA SER A 31 -12.43 -16.74 -5.72
C SER A 31 -13.15 -17.28 -4.48
N THR A 32 -12.95 -16.59 -3.37
CA THR A 32 -13.52 -17.02 -2.10
C THR A 32 -14.40 -15.92 -1.52
N NH2 A 33 -15.53 -16.34 -0.95
HN1 NH2 A 33 -15.75 -17.35 -0.94
HN2 NH2 A 33 -16.18 -15.67 -0.53
N PRO A 1 9.62 17.71 11.35
CA PRO A 1 10.82 16.98 11.67
C PRO A 1 11.48 16.41 10.41
N THR A 2 10.63 16.11 9.43
CA THR A 2 11.11 15.50 8.20
C THR A 2 11.53 16.59 7.20
N ASP A 3 12.19 16.14 6.14
CA ASP A 3 12.71 17.06 5.13
C ASP A 3 13.01 16.29 3.85
N SER A 4 13.84 15.26 3.99
CA SER A 4 14.27 14.47 2.84
C SER A 4 13.05 13.79 2.21
N GLY A 5 12.33 13.04 3.03
CA GLY A 5 11.12 12.38 2.57
C GLY A 5 10.81 11.15 3.42
N GLU A 6 10.74 11.38 4.73
CA GLU A 6 10.40 10.31 5.66
C GLU A 6 8.89 10.16 5.76
N LYS A 7 8.21 11.29 5.84
CA LYS A 7 6.76 11.31 5.79
C LYS A 7 6.29 10.75 4.44
N MET A 8 7.06 11.04 3.41
CA MET A 8 6.79 10.51 2.09
C MET A 8 6.98 9.00 2.06
N THR A 9 8.15 8.57 2.51
CA THR A 9 8.47 7.15 2.55
C THR A 9 7.43 6.38 3.36
N LEU A 10 6.94 7.04 4.40
CA LEU A 10 5.89 6.46 5.22
C LEU A 10 4.61 6.36 4.40
N SER A 11 4.28 7.45 3.72
CA SER A 11 3.07 7.50 2.92
C SER A 11 3.07 6.38 1.89
N ILE A 12 4.24 6.14 1.32
CA ILE A 12 4.39 5.09 0.32
C ILE A 12 4.30 3.73 1.00
N SER A 13 5.05 3.60 2.09
CA SER A 13 5.12 2.33 2.80
C SER A 13 3.72 1.88 3.21
N VAL A 14 2.88 2.85 3.50
CA VAL A 14 1.54 2.56 3.98
C VAL A 14 0.61 2.32 2.78
N LEU A 15 0.53 3.34 1.93
CA LEU A 15 -0.45 3.32 0.86
C LEU A 15 -0.12 2.18 -0.11
N LEU A 16 1.16 2.06 -0.42
CA LEU A 16 1.60 1.07 -1.39
C LEU A 16 1.22 -0.33 -0.89
N SER A 17 1.56 -0.58 0.36
CA SER A 17 1.28 -1.88 0.97
C SER A 17 -0.22 -2.08 1.11
N LEU A 18 -0.92 -0.99 1.35
CA LEU A 18 -2.37 -1.03 1.50
C LEU A 18 -2.99 -1.33 0.13
N THR A 19 -2.37 -0.80 -0.90
CA THR A 19 -2.88 -0.99 -2.25
C THR A 19 -2.58 -2.41 -2.74
N VAL A 20 -1.42 -2.91 -2.34
CA VAL A 20 -1.04 -4.28 -2.66
C VAL A 20 -1.98 -5.24 -1.94
N PHE A 21 -2.26 -4.92 -0.68
CA PHE A 21 -3.18 -5.73 0.11
C PHE A 21 -4.60 -5.63 -0.46
N LEU A 22 -4.94 -4.46 -0.95
CA LEU A 22 -6.22 -4.26 -1.60
C LEU A 22 -6.26 -5.07 -2.89
N LEU A 23 -5.12 -5.14 -3.56
CA LEU A 23 -4.99 -5.96 -4.74
C LEU A 23 -5.25 -7.42 -4.38
N VAL A 24 -4.59 -7.86 -3.32
CA VAL A 24 -4.73 -9.25 -2.87
C VAL A 24 -6.21 -9.53 -2.61
N ILE A 25 -6.89 -8.53 -2.10
CA ILE A 25 -8.30 -8.67 -1.76
C ILE A 25 -9.12 -8.77 -3.06
N VAL A 26 -8.72 -7.96 -4.03
CA VAL A 26 -9.44 -7.91 -5.30
C VAL A 26 -9.20 -9.22 -6.06
N GLU A 27 -8.13 -9.90 -5.68
CA GLU A 27 -7.84 -11.21 -6.25
C GLU A 27 -8.73 -12.28 -5.62
N LEU A 28 -8.84 -12.20 -4.31
CA LEU A 28 -9.50 -13.26 -3.54
C LEU A 28 -11.02 -13.12 -3.72
N ILE A 29 -11.47 -11.88 -3.80
CA ILE A 29 -12.88 -11.61 -3.96
C ILE A 29 -13.47 -12.52 -5.03
N PRO A 30 -12.86 -12.43 -6.25
CA PRO A 30 -13.16 -13.38 -7.31
C PRO A 30 -12.49 -14.72 -7.04
N SER A 31 -13.00 -15.42 -6.04
CA SER A 31 -12.52 -16.75 -5.72
C SER A 31 -13.27 -17.32 -4.52
N THR A 32 -13.46 -16.47 -3.51
CA THR A 32 -14.12 -16.88 -2.29
C THR A 32 -13.81 -18.35 -1.98
N NH2 A 33 -12.53 -18.60 -1.71
HN1 NH2 A 33 -11.84 -17.84 -1.72
HN2 NH2 A 33 -12.23 -19.57 -1.49
N PRO A 1 13.48 15.94 12.45
CA PRO A 1 12.51 16.62 11.60
C PRO A 1 12.57 16.08 10.17
N THR A 2 11.47 16.30 9.45
CA THR A 2 11.40 15.88 8.06
C THR A 2 12.23 16.80 7.17
N ASP A 3 12.86 16.20 6.18
CA ASP A 3 13.74 16.93 5.29
C ASP A 3 13.90 16.17 3.97
N SER A 4 14.38 14.94 4.10
CA SER A 4 14.63 14.11 2.93
C SER A 4 13.30 13.62 2.35
N GLY A 5 12.52 12.95 3.18
CA GLY A 5 11.24 12.44 2.76
C GLY A 5 10.80 11.27 3.64
N GLU A 6 10.75 11.52 4.94
CA GLU A 6 10.31 10.51 5.88
C GLU A 6 8.79 10.33 5.80
N LYS A 7 8.10 11.45 5.83
CA LYS A 7 6.64 11.44 5.69
C LYS A 7 6.27 10.82 4.34
N MET A 8 7.07 11.15 3.34
CA MET A 8 6.86 10.60 2.00
C MET A 8 7.00 9.08 2.00
N THR A 9 8.16 8.64 2.45
CA THR A 9 8.47 7.22 2.45
C THR A 9 7.45 6.46 3.29
N LEU A 10 6.98 7.11 4.34
CA LEU A 10 5.97 6.53 5.22
C LEU A 10 4.68 6.33 4.42
N SER A 11 4.27 7.39 3.75
CA SER A 11 3.02 7.37 3.01
C SER A 11 3.05 6.26 1.95
N ILE A 12 4.22 6.08 1.36
CA ILE A 12 4.41 5.05 0.36
C ILE A 12 4.37 3.67 1.03
N SER A 13 5.13 3.55 2.11
CA SER A 13 5.26 2.28 2.79
C SER A 13 3.88 1.76 3.21
N VAL A 14 3.00 2.71 3.52
CA VAL A 14 1.68 2.37 4.04
C VAL A 14 0.72 2.16 2.88
N LEU A 15 0.63 3.18 2.03
CA LEU A 15 -0.37 3.21 0.98
C LEU A 15 -0.07 2.12 -0.04
N LEU A 16 1.21 1.94 -0.30
CA LEU A 16 1.64 0.96 -1.29
C LEU A 16 1.29 -0.45 -0.80
N SER A 17 1.55 -0.67 0.48
CA SER A 17 1.20 -1.94 1.10
C SER A 17 -0.32 -2.11 1.16
N LEU A 18 -0.99 -0.99 1.38
CA LEU A 18 -2.43 -0.99 1.47
C LEU A 18 -3.02 -1.27 0.09
N THR A 19 -2.34 -0.78 -0.93
CA THR A 19 -2.80 -0.95 -2.29
C THR A 19 -2.54 -2.38 -2.77
N VAL A 20 -1.41 -2.92 -2.35
CA VAL A 20 -1.06 -4.29 -2.66
C VAL A 20 -2.06 -5.22 -1.95
N PHE A 21 -2.34 -4.90 -0.70
CA PHE A 21 -3.31 -5.66 0.07
C PHE A 21 -4.71 -5.56 -0.54
N LEU A 22 -5.02 -4.37 -1.03
CA LEU A 22 -6.28 -4.16 -1.72
C LEU A 22 -6.32 -5.02 -2.99
N LEU A 23 -5.19 -5.05 -3.67
CA LEU A 23 -5.05 -5.89 -4.85
C LEU A 23 -5.33 -7.34 -4.46
N VAL A 24 -4.65 -7.78 -3.41
CA VAL A 24 -4.78 -9.15 -2.95
C VAL A 24 -6.27 -9.45 -2.68
N ILE A 25 -6.95 -8.46 -2.13
CA ILE A 25 -8.35 -8.61 -1.78
C ILE A 25 -9.17 -8.78 -3.05
N VAL A 26 -8.80 -8.00 -4.07
CA VAL A 26 -9.54 -8.01 -5.31
C VAL A 26 -9.28 -9.32 -6.05
N GLU A 27 -8.16 -9.94 -5.71
CA GLU A 27 -7.82 -11.22 -6.30
C GLU A 27 -8.63 -12.35 -5.64
N LEU A 28 -8.82 -12.21 -4.34
CA LEU A 28 -9.41 -13.27 -3.55
C LEU A 28 -10.92 -13.14 -3.58
N ILE A 29 -11.38 -11.90 -3.73
CA ILE A 29 -12.80 -11.60 -3.66
C ILE A 29 -13.55 -12.49 -4.67
N PRO A 30 -13.05 -12.46 -5.93
CA PRO A 30 -13.70 -13.22 -7.00
C PRO A 30 -13.39 -14.70 -6.87
N SER A 31 -12.75 -15.06 -5.77
CA SER A 31 -12.47 -16.46 -5.48
C SER A 31 -13.41 -16.96 -4.38
N THR A 32 -14.15 -16.02 -3.81
CA THR A 32 -15.07 -16.35 -2.73
C THR A 32 -14.46 -17.43 -1.82
N NH2 A 33 -15.34 -18.09 -1.07
HN1 NH2 A 33 -16.33 -17.87 -1.13
HN2 NH2 A 33 -15.01 -18.83 -0.43
N PRO A 1 13.77 8.04 5.37
CA PRO A 1 14.97 7.88 6.17
C PRO A 1 16.10 8.78 5.65
N THR A 2 15.70 9.94 5.15
CA THR A 2 16.65 10.87 4.57
C THR A 2 16.44 12.27 5.16
N ASP A 3 15.69 12.32 6.26
CA ASP A 3 15.54 13.55 7.01
C ASP A 3 14.94 14.63 6.11
N SER A 4 14.10 14.18 5.18
CA SER A 4 13.37 15.10 4.33
C SER A 4 12.03 14.47 3.91
N GLY A 5 12.14 13.37 3.18
CA GLY A 5 10.95 12.71 2.66
C GLY A 5 10.57 11.51 3.53
N GLU A 6 10.49 11.77 4.83
CA GLU A 6 10.17 10.72 5.79
C GLU A 6 8.68 10.45 5.80
N LYS A 7 7.90 11.51 5.96
CA LYS A 7 6.46 11.42 5.90
C LYS A 7 6.05 10.85 4.53
N MET A 8 6.78 11.28 3.51
CA MET A 8 6.53 10.81 2.16
C MET A 8 6.77 9.31 2.05
N THR A 9 7.97 8.90 2.45
CA THR A 9 8.34 7.50 2.36
C THR A 9 7.40 6.63 3.21
N LEU A 10 6.94 7.22 4.30
CA LEU A 10 5.98 6.54 5.16
C LEU A 10 4.68 6.34 4.41
N SER A 11 4.25 7.40 3.73
CA SER A 11 3.01 7.36 2.97
C SER A 11 3.07 6.23 1.94
N ILE A 12 4.26 6.06 1.37
CA ILE A 12 4.46 5.00 0.39
C ILE A 12 4.46 3.65 1.11
N SER A 13 5.24 3.57 2.17
CA SER A 13 5.41 2.31 2.89
C SER A 13 4.05 1.76 3.31
N VAL A 14 3.11 2.67 3.50
CA VAL A 14 1.79 2.30 3.99
C VAL A 14 0.86 2.07 2.80
N LEU A 15 0.72 3.11 2.00
CA LEU A 15 -0.29 3.12 0.95
C LEU A 15 0.04 2.02 -0.07
N LEU A 16 1.33 1.85 -0.32
CA LEU A 16 1.79 0.88 -1.29
C LEU A 16 1.41 -0.52 -0.83
N SER A 17 1.69 -0.78 0.44
CA SER A 17 1.35 -2.06 1.04
C SER A 17 -0.16 -2.22 1.13
N LEU A 18 -0.84 -1.09 1.30
CA LEU A 18 -2.29 -1.08 1.36
C LEU A 18 -2.85 -1.40 -0.02
N THR A 19 -2.17 -0.89 -1.04
CA THR A 19 -2.61 -1.10 -2.42
C THR A 19 -2.36 -2.54 -2.85
N VAL A 20 -1.25 -3.09 -2.37
CA VAL A 20 -0.92 -4.48 -2.64
C VAL A 20 -1.93 -5.39 -1.93
N PHE A 21 -2.23 -5.03 -0.69
CA PHE A 21 -3.20 -5.77 0.08
C PHE A 21 -4.60 -5.65 -0.51
N LEU A 22 -4.88 -4.46 -1.02
CA LEU A 22 -6.15 -4.22 -1.70
C LEU A 22 -6.21 -5.07 -2.97
N LEU A 23 -5.07 -5.15 -3.65
CA LEU A 23 -4.96 -6.01 -4.82
C LEU A 23 -5.32 -7.45 -4.43
N VAL A 24 -4.62 -7.94 -3.41
CA VAL A 24 -4.82 -9.30 -2.96
C VAL A 24 -6.31 -9.52 -2.67
N ILE A 25 -6.94 -8.48 -2.15
CA ILE A 25 -8.35 -8.56 -1.81
C ILE A 25 -9.17 -8.64 -3.10
N VAL A 26 -8.73 -7.91 -4.11
CA VAL A 26 -9.43 -7.86 -5.38
C VAL A 26 -9.29 -9.21 -6.08
N GLU A 27 -8.25 -9.94 -5.70
CA GLU A 27 -8.07 -11.29 -6.19
C GLU A 27 -9.05 -12.25 -5.50
N LEU A 28 -9.15 -12.08 -4.19
CA LEU A 28 -9.91 -13.01 -3.37
C LEU A 28 -11.41 -12.80 -3.63
N ILE A 29 -11.81 -11.54 -3.65
CA ILE A 29 -13.20 -11.19 -3.81
C ILE A 29 -13.84 -12.13 -4.84
N PRO A 30 -13.23 -12.13 -6.06
CA PRO A 30 -13.63 -13.08 -7.09
C PRO A 30 -13.09 -14.48 -6.78
N SER A 31 -13.61 -15.05 -5.70
CA SER A 31 -13.22 -16.40 -5.30
C SER A 31 -13.93 -16.78 -4.01
N THR A 32 -13.81 -15.92 -3.02
CA THR A 32 -14.50 -16.11 -1.76
C THR A 32 -15.97 -15.69 -1.89
N NH2 A 33 -16.18 -14.62 -2.63
HN1 NH2 A 33 -15.39 -14.13 -3.06
HN2 NH2 A 33 -17.14 -14.27 -2.77
N PRO A 1 15.84 4.50 2.92
CA PRO A 1 14.72 5.29 2.43
C PRO A 1 14.16 6.19 3.53
N THR A 2 14.28 5.71 4.76
CA THR A 2 13.74 6.43 5.89
C THR A 2 14.59 7.65 6.23
N ASP A 3 14.36 8.72 5.48
CA ASP A 3 15.20 9.90 5.57
C ASP A 3 14.99 10.78 4.34
N SER A 4 14.89 10.11 3.19
CA SER A 4 14.77 10.81 1.92
C SER A 4 13.38 11.41 1.79
N GLY A 5 12.40 10.55 1.59
CA GLY A 5 11.01 10.99 1.42
C GLY A 5 10.41 11.39 2.77
N GLU A 6 10.84 10.70 3.81
CA GLU A 6 10.39 11.00 5.15
C GLU A 6 8.91 10.65 5.31
N LYS A 7 8.13 11.65 5.69
CA LYS A 7 6.69 11.48 5.77
C LYS A 7 6.19 10.77 4.50
N MET A 8 6.80 11.14 3.38
CA MET A 8 6.42 10.56 2.11
C MET A 8 6.75 9.07 2.05
N THR A 9 7.96 8.75 2.47
CA THR A 9 8.39 7.36 2.54
C THR A 9 7.42 6.54 3.39
N LEU A 10 6.95 7.15 4.46
CA LEU A 10 5.98 6.52 5.33
C LEU A 10 4.67 6.34 4.57
N SER A 11 4.29 7.39 3.86
CA SER A 11 3.03 7.38 3.13
C SER A 11 3.04 6.24 2.09
N ILE A 12 4.18 6.09 1.46
CA ILE A 12 4.34 5.03 0.46
C ILE A 12 4.38 3.68 1.16
N SER A 13 5.15 3.62 2.24
CA SER A 13 5.35 2.37 2.94
C SER A 13 4.00 1.78 3.37
N VAL A 14 3.06 2.67 3.64
CA VAL A 14 1.76 2.27 4.14
C VAL A 14 0.80 2.07 2.96
N LEU A 15 0.69 3.10 2.15
CA LEU A 15 -0.33 3.14 1.11
C LEU A 15 -0.01 2.06 0.07
N LEU A 16 1.28 1.82 -0.11
CA LEU A 16 1.73 0.85 -1.10
C LEU A 16 1.32 -0.55 -0.65
N SER A 17 1.55 -0.81 0.63
CA SER A 17 1.17 -2.09 1.22
C SER A 17 -0.36 -2.20 1.28
N LEU A 18 -1.00 -1.05 1.44
CA LEU A 18 -2.45 -1.00 1.48
C LEU A 18 -3.00 -1.31 0.08
N THR A 19 -2.32 -0.77 -0.92
CA THR A 19 -2.74 -0.95 -2.29
C THR A 19 -2.50 -2.39 -2.75
N VAL A 20 -1.36 -2.92 -2.34
CA VAL A 20 -1.02 -4.30 -2.66
C VAL A 20 -2.03 -5.24 -1.98
N PHE A 21 -2.36 -4.91 -0.75
CA PHE A 21 -3.34 -5.69 -0.01
C PHE A 21 -4.73 -5.54 -0.63
N LEU A 22 -5.01 -4.33 -1.10
CA LEU A 22 -6.27 -4.05 -1.75
C LEU A 22 -6.35 -4.84 -3.06
N LEU A 23 -5.19 -5.04 -3.66
CA LEU A 23 -5.09 -5.83 -4.87
C LEU A 23 -5.34 -7.31 -4.53
N VAL A 24 -4.59 -7.79 -3.55
CA VAL A 24 -4.75 -9.16 -3.10
C VAL A 24 -6.23 -9.42 -2.79
N ILE A 25 -6.88 -8.42 -2.25
CA ILE A 25 -8.31 -8.51 -1.96
C ILE A 25 -9.07 -8.76 -3.26
N VAL A 26 -8.74 -7.98 -4.27
CA VAL A 26 -9.45 -8.05 -5.54
C VAL A 26 -9.24 -9.42 -6.16
N GLU A 27 -8.13 -10.04 -5.81
CA GLU A 27 -7.83 -11.39 -6.27
C GLU A 27 -8.71 -12.40 -5.55
N LEU A 28 -8.91 -12.16 -4.25
CA LEU A 28 -9.59 -13.12 -3.40
C LEU A 28 -11.10 -12.96 -3.59
N ILE A 29 -11.52 -11.73 -3.87
CA ILE A 29 -12.93 -11.40 -3.86
C ILE A 29 -13.69 -12.39 -4.74
N PRO A 30 -13.20 -12.54 -5.99
CA PRO A 30 -13.89 -13.36 -6.98
C PRO A 30 -13.69 -14.85 -6.68
N SER A 31 -13.08 -15.12 -5.54
CA SER A 31 -12.84 -16.49 -5.12
C SER A 31 -13.76 -16.85 -3.95
N THR A 32 -13.95 -15.89 -3.06
CA THR A 32 -14.79 -16.09 -1.90
C THR A 32 -15.72 -14.90 -1.69
N NH2 A 33 -16.80 -14.89 -2.47
HN1 NH2 A 33 -16.95 -15.66 -3.15
HN2 NH2 A 33 -17.48 -14.12 -2.40
N PRO A 1 15.87 2.01 3.31
CA PRO A 1 15.36 2.23 4.66
C PRO A 1 15.10 3.73 4.90
N THR A 2 14.47 4.35 3.91
CA THR A 2 14.22 5.78 3.97
C THR A 2 15.49 6.52 4.40
N ASP A 3 15.31 7.80 4.70
CA ASP A 3 16.42 8.62 5.15
C ASP A 3 15.95 10.07 5.30
N SER A 4 15.59 10.67 4.17
CA SER A 4 15.26 12.07 4.14
C SER A 4 13.74 12.26 4.10
N GLY A 5 13.13 11.65 3.09
CA GLY A 5 11.69 11.79 2.91
C GLY A 5 10.94 11.45 4.20
N GLU A 6 11.13 10.22 4.65
CA GLU A 6 10.60 9.82 5.95
C GLU A 6 9.08 9.86 5.94
N LYS A 7 8.54 11.06 6.10
CA LYS A 7 7.11 11.25 6.11
C LYS A 7 6.56 10.95 4.71
N MET A 8 7.31 11.38 3.71
CA MET A 8 6.89 11.20 2.33
C MET A 8 7.04 9.74 1.90
N THR A 9 7.95 9.04 2.56
CA THR A 9 8.19 7.64 2.26
C THR A 9 7.22 6.76 3.05
N LEU A 10 6.83 7.25 4.22
CA LEU A 10 5.90 6.52 5.07
C LEU A 10 4.57 6.38 4.34
N SER A 11 4.16 7.47 3.70
CA SER A 11 2.92 7.47 2.95
C SER A 11 2.92 6.34 1.91
N ILE A 12 4.09 6.13 1.33
CA ILE A 12 4.25 5.07 0.34
C ILE A 12 4.24 3.72 1.04
N SER A 13 5.02 3.64 2.11
CA SER A 13 5.18 2.39 2.84
C SER A 13 3.80 1.85 3.25
N VAL A 14 2.89 2.78 3.48
CA VAL A 14 1.57 2.42 3.97
C VAL A 14 0.63 2.21 2.79
N LEU A 15 0.52 3.23 1.96
CA LEU A 15 -0.49 3.25 0.91
C LEU A 15 -0.17 2.15 -0.10
N LEU A 16 1.11 1.99 -0.38
CA LEU A 16 1.55 1.00 -1.34
C LEU A 16 1.23 -0.40 -0.83
N SER A 17 1.52 -0.60 0.45
CA SER A 17 1.21 -1.88 1.09
C SER A 17 -0.31 -2.08 1.16
N LEU A 18 -1.01 -0.96 1.32
CA LEU A 18 -2.46 -0.99 1.38
C LEU A 18 -3.01 -1.35 0.00
N THR A 19 -2.36 -0.83 -1.03
CA THR A 19 -2.80 -1.06 -2.39
C THR A 19 -2.52 -2.51 -2.80
N VAL A 20 -1.39 -3.02 -2.33
CA VAL A 20 -1.02 -4.40 -2.58
C VAL A 20 -2.02 -5.32 -1.86
N PHE A 21 -2.31 -4.97 -0.62
CA PHE A 21 -3.26 -5.72 0.17
C PHE A 21 -4.67 -5.63 -0.44
N LEU A 22 -4.96 -4.46 -0.98
CA LEU A 22 -6.23 -4.26 -1.67
C LEU A 22 -6.25 -5.10 -2.95
N LEU A 23 -5.09 -5.21 -3.57
CA LEU A 23 -4.95 -6.05 -4.74
C LEU A 23 -5.23 -7.51 -4.36
N VAL A 24 -4.62 -7.92 -3.26
CA VAL A 24 -4.78 -9.27 -2.78
C VAL A 24 -6.26 -9.55 -2.55
N ILE A 25 -6.97 -8.52 -2.11
CA ILE A 25 -8.38 -8.64 -1.82
C ILE A 25 -9.17 -8.77 -3.13
N VAL A 26 -8.73 -7.98 -4.11
CA VAL A 26 -9.40 -7.96 -5.40
C VAL A 26 -9.15 -9.30 -6.11
N GLU A 27 -8.10 -9.97 -5.68
CA GLU A 27 -7.79 -11.30 -6.20
C GLU A 27 -8.71 -12.34 -5.57
N LEU A 28 -8.87 -12.24 -4.26
CA LEU A 28 -9.57 -13.27 -3.51
C LEU A 28 -11.08 -13.14 -3.76
N ILE A 29 -11.54 -11.89 -3.74
CA ILE A 29 -12.95 -11.61 -3.93
C ILE A 29 -13.51 -12.55 -5.02
N PRO A 30 -12.86 -12.49 -6.20
CA PRO A 30 -13.14 -13.45 -7.26
C PRO A 30 -12.52 -14.81 -6.95
N SER A 31 -13.04 -15.43 -5.90
CA SER A 31 -12.56 -16.74 -5.49
C SER A 31 -13.31 -17.22 -4.26
N THR A 32 -13.31 -16.37 -3.24
CA THR A 32 -14.04 -16.66 -2.02
C THR A 32 -15.48 -16.13 -2.12
N NH2 A 33 -15.64 -15.11 -2.94
HN1 NH2 A 33 -14.83 -14.72 -3.45
HN2 NH2 A 33 -16.58 -14.68 -3.07
N PRO A 1 6.11 13.58 13.09
CA PRO A 1 6.95 14.76 12.91
C PRO A 1 8.00 14.53 11.82
N THR A 2 8.67 15.61 11.47
CA THR A 2 9.67 15.55 10.40
C THR A 2 9.00 15.23 9.06
N ASP A 3 9.56 15.79 8.01
CA ASP A 3 9.22 15.37 6.66
C ASP A 3 10.45 14.76 5.99
N SER A 4 11.25 15.62 5.39
CA SER A 4 12.52 15.20 4.83
C SER A 4 12.35 13.89 4.07
N GLY A 5 11.15 13.72 3.51
CA GLY A 5 10.87 12.56 2.67
C GLY A 5 10.57 11.33 3.50
N GLU A 6 10.87 11.43 4.80
CA GLU A 6 10.44 10.43 5.75
C GLU A 6 8.92 10.25 5.70
N LYS A 7 8.24 11.38 5.63
CA LYS A 7 6.78 11.37 5.56
C LYS A 7 6.36 10.71 4.24
N MET A 8 7.07 11.06 3.18
CA MET A 8 6.79 10.48 1.87
C MET A 8 6.97 8.96 1.90
N THR A 9 8.11 8.54 2.44
CA THR A 9 8.43 7.12 2.49
C THR A 9 7.41 6.38 3.37
N LEU A 10 6.93 7.08 4.38
CA LEU A 10 5.90 6.53 5.26
C LEU A 10 4.60 6.36 4.46
N SER A 11 4.24 7.43 3.76
CA SER A 11 2.99 7.43 3.01
C SER A 11 3.00 6.31 1.97
N ILE A 12 4.14 6.15 1.34
CA ILE A 12 4.30 5.11 0.32
C ILE A 12 4.28 3.74 0.99
N SER A 13 5.08 3.63 2.05
CA SER A 13 5.24 2.36 2.72
C SER A 13 3.87 1.82 3.17
N VAL A 14 2.99 2.75 3.51
CA VAL A 14 1.70 2.39 4.06
C VAL A 14 0.71 2.20 2.92
N LEU A 15 0.59 3.23 2.10
CA LEU A 15 -0.45 3.27 1.09
C LEU A 15 -0.17 2.20 0.03
N LEU A 16 1.11 2.00 -0.25
CA LEU A 16 1.52 1.03 -1.25
C LEU A 16 1.18 -0.38 -0.74
N SER A 17 1.48 -0.60 0.53
CA SER A 17 1.15 -1.87 1.16
C SER A 17 -0.36 -2.05 1.24
N LEU A 18 -1.05 -0.93 1.42
CA LEU A 18 -2.50 -0.94 1.48
C LEU A 18 -3.06 -1.30 0.10
N THR A 19 -2.44 -0.72 -0.92
CA THR A 19 -2.89 -0.93 -2.29
C THR A 19 -2.61 -2.37 -2.73
N VAL A 20 -1.46 -2.87 -2.29
CA VAL A 20 -1.08 -4.24 -2.60
C VAL A 20 -2.04 -5.20 -1.91
N PHE A 21 -2.31 -4.91 -0.64
CA PHE A 21 -3.22 -5.71 0.14
C PHE A 21 -4.65 -5.63 -0.44
N LEU A 22 -4.98 -4.44 -0.95
CA LEU A 22 -6.25 -4.24 -1.60
C LEU A 22 -6.30 -5.05 -2.90
N LEU A 23 -5.16 -5.10 -3.57
CA LEU A 23 -5.03 -5.90 -4.76
C LEU A 23 -5.26 -7.38 -4.41
N VAL A 24 -4.59 -7.81 -3.36
CA VAL A 24 -4.71 -9.19 -2.91
C VAL A 24 -6.18 -9.51 -2.65
N ILE A 25 -6.90 -8.51 -2.14
CA ILE A 25 -8.30 -8.68 -1.82
C ILE A 25 -9.11 -8.79 -3.12
N VAL A 26 -8.72 -7.96 -4.08
CA VAL A 26 -9.41 -7.92 -5.35
C VAL A 26 -9.15 -9.23 -6.13
N GLU A 27 -8.08 -9.90 -5.73
CA GLU A 27 -7.77 -11.20 -6.29
C GLU A 27 -8.65 -12.28 -5.67
N LEU A 28 -8.78 -12.21 -4.35
CA LEU A 28 -9.43 -13.28 -3.61
C LEU A 28 -10.95 -13.16 -3.78
N ILE A 29 -11.41 -11.92 -3.86
CA ILE A 29 -12.84 -11.66 -4.02
C ILE A 29 -13.40 -12.57 -5.11
N PRO A 30 -12.78 -12.45 -6.32
CA PRO A 30 -13.09 -13.39 -7.40
C PRO A 30 -12.42 -14.74 -7.16
N SER A 31 -12.92 -15.42 -6.13
CA SER A 31 -12.40 -16.74 -5.79
C SER A 31 -13.12 -17.29 -4.57
N THR A 32 -13.21 -16.44 -3.54
CA THR A 32 -13.81 -16.85 -2.29
C THR A 32 -15.34 -16.70 -2.35
N NH2 A 33 -15.97 -17.66 -3.01
HN1 NH2 A 33 -15.43 -18.42 -3.43
HN2 NH2 A 33 -16.99 -17.62 -3.10
N PRO A 1 16.51 19.27 4.25
CA PRO A 1 15.72 18.41 5.10
C PRO A 1 15.16 17.22 4.31
N THR A 2 14.58 16.28 5.05
CA THR A 2 14.03 15.08 4.44
C THR A 2 15.12 14.28 3.75
N ASP A 3 15.54 13.22 4.42
CA ASP A 3 16.66 12.42 3.94
C ASP A 3 16.29 11.77 2.60
N SER A 4 15.25 10.96 2.65
CA SER A 4 14.83 10.20 1.48
C SER A 4 13.31 10.05 1.46
N GLY A 5 12.63 11.15 1.73
CA GLY A 5 11.18 11.17 1.68
C GLY A 5 10.58 11.23 3.08
N GLU A 6 11.07 10.35 3.94
CA GLU A 6 10.63 10.34 5.33
C GLU A 6 9.11 10.24 5.39
N LYS A 7 8.48 11.41 5.45
CA LYS A 7 7.03 11.46 5.54
C LYS A 7 6.41 10.84 4.29
N MET A 8 7.04 11.11 3.16
CA MET A 8 6.61 10.54 1.89
C MET A 8 6.82 9.03 1.88
N THR A 9 8.02 8.63 2.29
CA THR A 9 8.36 7.21 2.32
C THR A 9 7.39 6.44 3.23
N LEU A 10 7.04 7.08 4.34
CA LEU A 10 6.08 6.50 5.26
C LEU A 10 4.73 6.34 4.53
N SER A 11 4.31 7.41 3.89
CA SER A 11 3.06 7.41 3.15
C SER A 11 3.04 6.22 2.18
N ILE A 12 4.05 6.17 1.34
CA ILE A 12 4.14 5.11 0.34
C ILE A 12 4.07 3.75 1.04
N SER A 13 4.91 3.60 2.06
CA SER A 13 5.00 2.34 2.77
C SER A 13 3.60 1.92 3.26
N VAL A 14 2.78 2.91 3.55
CA VAL A 14 1.45 2.66 4.07
C VAL A 14 0.52 2.33 2.91
N LEU A 15 0.26 3.33 2.09
CA LEU A 15 -0.77 3.22 1.05
C LEU A 15 -0.44 2.04 0.15
N LEU A 16 0.84 1.91 -0.15
CA LEU A 16 1.28 0.95 -1.15
C LEU A 16 1.05 -0.47 -0.64
N SER A 17 1.41 -0.67 0.63
CA SER A 17 1.16 -1.94 1.29
C SER A 17 -0.35 -2.17 1.43
N LEU A 18 -1.07 -1.07 1.57
CA LEU A 18 -2.52 -1.13 1.65
C LEU A 18 -3.09 -1.43 0.25
N THR A 19 -2.41 -0.91 -0.75
CA THR A 19 -2.87 -1.05 -2.12
C THR A 19 -2.52 -2.43 -2.67
N VAL A 20 -1.40 -2.95 -2.18
CA VAL A 20 -1.01 -4.31 -2.52
C VAL A 20 -1.93 -5.31 -1.82
N PHE A 21 -2.27 -4.98 -0.58
CA PHE A 21 -3.22 -5.76 0.17
C PHE A 21 -4.63 -5.64 -0.43
N LEU A 22 -4.90 -4.45 -0.96
CA LEU A 22 -6.16 -4.22 -1.66
C LEU A 22 -6.17 -5.02 -2.96
N LEU A 23 -5.03 -5.03 -3.63
CA LEU A 23 -4.88 -5.83 -4.83
C LEU A 23 -5.12 -7.30 -4.49
N VAL A 24 -4.46 -7.75 -3.44
CA VAL A 24 -4.64 -9.12 -2.97
C VAL A 24 -6.13 -9.40 -2.80
N ILE A 25 -6.82 -8.45 -2.19
CA ILE A 25 -8.23 -8.63 -1.89
C ILE A 25 -9.03 -8.72 -3.18
N VAL A 26 -8.62 -7.89 -4.15
CA VAL A 26 -9.30 -7.85 -5.43
C VAL A 26 -9.05 -9.15 -6.19
N GLU A 27 -7.98 -9.83 -5.79
CA GLU A 27 -7.66 -11.12 -6.36
C GLU A 27 -8.56 -12.20 -5.73
N LEU A 28 -8.78 -12.07 -4.43
CA LEU A 28 -9.43 -13.12 -3.67
C LEU A 28 -10.94 -12.96 -3.78
N ILE A 29 -11.37 -11.72 -3.97
CA ILE A 29 -12.78 -11.43 -4.15
C ILE A 29 -13.35 -12.35 -5.24
N PRO A 30 -12.65 -12.33 -6.42
CA PRO A 30 -12.94 -13.29 -7.47
C PRO A 30 -12.40 -14.68 -7.11
N SER A 31 -13.00 -15.28 -6.08
CA SER A 31 -12.58 -16.60 -5.64
C SER A 31 -13.41 -17.02 -4.42
N THR A 32 -13.47 -16.14 -3.44
CA THR A 32 -14.30 -16.37 -2.28
C THR A 32 -15.08 -15.11 -1.92
N NH2 A 33 -14.35 -14.01 -1.77
HN1 NH2 A 33 -13.33 -14.06 -1.89
HN2 NH2 A 33 -14.81 -13.12 -1.52
N PRO A 1 15.44 1.95 5.19
CA PRO A 1 16.24 2.98 4.51
C PRO A 1 15.49 4.31 4.47
N THR A 2 14.88 4.65 5.60
CA THR A 2 14.09 5.86 5.69
C THR A 2 15.00 7.07 5.94
N ASP A 3 14.38 8.16 6.36
CA ASP A 3 15.12 9.37 6.64
C ASP A 3 15.48 10.07 5.32
N SER A 4 14.87 9.57 4.25
CA SER A 4 15.02 10.20 2.95
C SER A 4 13.69 10.86 2.53
N GLY A 5 12.76 10.00 2.13
CA GLY A 5 11.40 10.46 1.86
C GLY A 5 10.70 10.89 3.16
N GLU A 6 11.03 10.18 4.22
CA GLU A 6 10.50 10.53 5.53
C GLU A 6 8.98 10.34 5.56
N LYS A 7 8.28 11.45 5.74
CA LYS A 7 6.83 11.44 5.71
C LYS A 7 6.36 10.77 4.42
N MET A 8 7.11 11.01 3.36
CA MET A 8 6.78 10.42 2.07
C MET A 8 6.96 8.91 2.09
N THR A 9 8.12 8.49 2.57
CA THR A 9 8.41 7.07 2.70
C THR A 9 7.32 6.37 3.51
N LEU A 10 6.84 7.07 4.52
CA LEU A 10 5.77 6.53 5.36
C LEU A 10 4.51 6.38 4.54
N SER A 11 4.16 7.44 3.82
CA SER A 11 2.94 7.46 3.04
C SER A 11 2.97 6.33 2.01
N ILE A 12 4.13 6.13 1.43
CA ILE A 12 4.30 5.13 0.39
C ILE A 12 4.25 3.74 1.02
N SER A 13 5.04 3.57 2.08
CA SER A 13 5.19 2.27 2.71
C SER A 13 3.82 1.77 3.20
N VAL A 14 2.95 2.73 3.48
CA VAL A 14 1.63 2.41 4.00
C VAL A 14 0.66 2.22 2.84
N LEU A 15 0.53 3.28 2.04
CA LEU A 15 -0.49 3.32 1.02
C LEU A 15 -0.21 2.23 -0.02
N LEU A 16 1.06 2.13 -0.40
CA LEU A 16 1.46 1.16 -1.40
C LEU A 16 1.17 -0.25 -0.91
N SER A 17 1.49 -0.48 0.36
CA SER A 17 1.22 -1.76 0.98
C SER A 17 -0.29 -1.99 1.07
N LEU A 18 -1.01 -0.90 1.30
CA LEU A 18 -2.46 -0.97 1.40
C LEU A 18 -3.04 -1.30 0.02
N THR A 19 -2.44 -0.73 -1.01
CA THR A 19 -2.90 -0.94 -2.36
C THR A 19 -2.61 -2.38 -2.82
N VAL A 20 -1.45 -2.87 -2.39
CA VAL A 20 -1.07 -4.25 -2.69
C VAL A 20 -2.02 -5.19 -1.96
N PHE A 21 -2.28 -4.89 -0.70
CA PHE A 21 -3.19 -5.69 0.10
C PHE A 21 -4.62 -5.61 -0.46
N LEU A 22 -4.95 -4.43 -0.98
CA LEU A 22 -6.24 -4.24 -1.63
C LEU A 22 -6.29 -5.06 -2.91
N LEU A 23 -5.15 -5.12 -3.59
CA LEU A 23 -5.02 -5.95 -4.78
C LEU A 23 -5.25 -7.41 -4.39
N VAL A 24 -4.54 -7.83 -3.35
CA VAL A 24 -4.68 -9.20 -2.87
C VAL A 24 -6.16 -9.51 -2.62
N ILE A 25 -6.86 -8.51 -2.10
CA ILE A 25 -8.27 -8.67 -1.78
C ILE A 25 -9.07 -8.77 -3.07
N VAL A 26 -8.65 -8.00 -4.06
CA VAL A 26 -9.37 -7.94 -5.32
C VAL A 26 -9.09 -9.22 -6.12
N GLU A 27 -8.06 -9.94 -5.68
CA GLU A 27 -7.76 -11.24 -6.26
C GLU A 27 -8.62 -12.31 -5.60
N LEU A 28 -8.77 -12.21 -4.29
CA LEU A 28 -9.41 -13.25 -3.52
C LEU A 28 -10.93 -13.06 -3.57
N ILE A 29 -11.33 -11.82 -3.80
CA ILE A 29 -12.74 -11.47 -3.80
C ILE A 29 -13.45 -12.27 -4.90
N PRO A 30 -12.87 -12.18 -6.13
CA PRO A 30 -13.39 -12.93 -7.25
C PRO A 30 -13.02 -14.42 -7.15
N SER A 31 -12.46 -14.77 -6.00
CA SER A 31 -12.16 -16.16 -5.72
C SER A 31 -13.07 -16.68 -4.60
N THR A 32 -14.00 -15.83 -4.19
CA THR A 32 -14.99 -16.21 -3.20
C THR A 32 -16.39 -15.84 -3.67
N NH2 A 33 -16.58 -14.55 -3.92
HN1 NH2 A 33 -15.80 -13.89 -3.80
HN2 NH2 A 33 -17.50 -14.22 -4.25
N PRO A 1 15.86 5.15 -1.93
CA PRO A 1 16.83 5.30 -0.85
C PRO A 1 16.23 6.12 0.30
N THR A 2 15.34 7.03 -0.07
CA THR A 2 14.74 7.94 0.90
C THR A 2 15.81 8.88 1.47
N ASP A 3 15.38 10.11 1.75
CA ASP A 3 16.30 11.12 2.21
C ASP A 3 15.54 12.44 2.39
N SER A 4 14.87 12.85 1.33
CA SER A 4 14.06 14.06 1.38
C SER A 4 12.59 13.71 1.64
N GLY A 5 12.17 12.61 1.03
CA GLY A 5 10.78 12.20 1.12
C GLY A 5 10.57 11.22 2.28
N GLU A 6 11.19 11.53 3.40
CA GLU A 6 11.14 10.66 4.56
C GLU A 6 9.69 10.50 5.04
N LYS A 7 9.05 11.64 5.27
CA LYS A 7 7.65 11.65 5.66
C LYS A 7 6.82 11.01 4.54
N MET A 8 7.26 11.23 3.32
CA MET A 8 6.61 10.63 2.17
C MET A 8 6.66 9.10 2.25
N THR A 9 7.83 8.59 2.60
CA THR A 9 8.07 7.17 2.56
C THR A 9 7.15 6.44 3.55
N LEU A 10 6.72 7.18 4.56
CA LEU A 10 5.70 6.70 5.47
C LEU A 10 4.39 6.46 4.69
N SER A 11 4.03 7.45 3.89
CA SER A 11 2.82 7.38 3.10
C SER A 11 2.91 6.22 2.11
N ILE A 12 4.13 5.99 1.62
CA ILE A 12 4.36 4.95 0.63
C ILE A 12 4.26 3.59 1.30
N SER A 13 4.99 3.45 2.40
CA SER A 13 5.08 2.17 3.08
C SER A 13 3.69 1.71 3.50
N VAL A 14 2.80 2.68 3.70
CA VAL A 14 1.47 2.38 4.18
C VAL A 14 0.53 2.18 2.98
N LEU A 15 0.47 3.19 2.14
CA LEU A 15 -0.50 3.21 1.07
C LEU A 15 -0.17 2.11 0.05
N LEU A 16 1.12 1.93 -0.17
CA LEU A 16 1.59 0.95 -1.12
C LEU A 16 1.22 -0.46 -0.63
N SER A 17 1.41 -0.67 0.67
CA SER A 17 1.04 -1.93 1.28
C SER A 17 -0.48 -2.10 1.27
N LEU A 18 -1.17 -0.97 1.43
CA LEU A 18 -2.62 -0.97 1.44
C LEU A 18 -3.12 -1.30 0.02
N THR A 19 -2.40 -0.78 -0.96
CA THR A 19 -2.80 -0.96 -2.35
C THR A 19 -2.49 -2.39 -2.80
N VAL A 20 -1.36 -2.90 -2.35
CA VAL A 20 -0.97 -4.27 -2.66
C VAL A 20 -1.96 -5.23 -2.00
N PHE A 21 -2.33 -4.90 -0.78
CA PHE A 21 -3.32 -5.69 -0.06
C PHE A 21 -4.69 -5.57 -0.72
N LEU A 22 -5.02 -4.37 -1.16
CA LEU A 22 -6.27 -4.13 -1.85
C LEU A 22 -6.30 -4.94 -3.14
N LEU A 23 -5.11 -5.08 -3.74
CA LEU A 23 -4.97 -5.92 -4.92
C LEU A 23 -5.30 -7.37 -4.57
N VAL A 24 -4.52 -7.91 -3.63
CA VAL A 24 -4.70 -9.28 -3.22
C VAL A 24 -6.16 -9.51 -2.81
N ILE A 25 -6.75 -8.46 -2.26
CA ILE A 25 -8.15 -8.51 -1.85
C ILE A 25 -9.02 -8.81 -3.07
N VAL A 26 -8.79 -8.04 -4.13
CA VAL A 26 -9.64 -8.11 -5.30
C VAL A 26 -9.41 -9.43 -6.03
N GLU A 27 -8.21 -9.99 -5.80
CA GLU A 27 -7.87 -11.26 -6.40
C GLU A 27 -8.61 -12.40 -5.71
N LEU A 28 -8.78 -12.25 -4.40
CA LEU A 28 -9.38 -13.30 -3.59
C LEU A 28 -10.90 -13.26 -3.79
N ILE A 29 -11.42 -12.05 -3.93
CA ILE A 29 -12.86 -11.86 -4.05
C ILE A 29 -13.44 -12.96 -4.94
N PRO A 30 -12.90 -13.04 -6.19
CA PRO A 30 -13.18 -14.17 -7.06
C PRO A 30 -12.43 -15.42 -6.61
N SER A 31 -13.09 -16.19 -5.75
CA SER A 31 -12.52 -17.46 -5.31
C SER A 31 -13.61 -18.29 -4.62
N THR A 32 -14.25 -17.68 -3.63
CA THR A 32 -15.28 -18.36 -2.87
C THR A 32 -16.61 -18.31 -3.64
N NH2 A 33 -16.82 -17.20 -4.33
HN1 NH2 A 33 -16.12 -16.45 -4.31
HN2 NH2 A 33 -17.69 -17.08 -4.86
N PRO A 1 20.98 8.38 5.59
CA PRO A 1 20.10 8.48 6.74
C PRO A 1 18.64 8.65 6.31
N THR A 2 18.44 9.48 5.30
CA THR A 2 17.10 9.75 4.81
C THR A 2 16.59 8.57 3.99
N ASP A 3 15.27 8.42 3.98
CA ASP A 3 14.64 7.29 3.31
C ASP A 3 14.05 7.76 1.98
N SER A 4 14.69 8.77 1.41
CA SER A 4 14.28 9.27 0.10
C SER A 4 12.86 9.83 0.17
N GLY A 5 12.59 10.55 1.24
CA GLY A 5 11.27 11.10 1.47
C GLY A 5 10.95 11.18 2.96
N GLU A 6 11.22 10.07 3.65
CA GLU A 6 10.91 9.97 5.06
C GLU A 6 9.40 10.08 5.28
N LYS A 7 8.91 11.31 5.24
CA LYS A 7 7.49 11.56 5.48
C LYS A 7 6.67 11.02 4.31
N MET A 8 7.15 11.31 3.10
CA MET A 8 6.51 10.80 1.91
C MET A 8 6.63 9.27 1.83
N THR A 9 7.81 8.78 2.18
CA THR A 9 8.08 7.35 2.13
C THR A 9 7.21 6.62 3.15
N LEU A 10 6.93 7.31 4.24
CA LEU A 10 6.02 6.78 5.24
C LEU A 10 4.63 6.58 4.63
N SER A 11 4.23 7.57 3.85
CA SER A 11 2.96 7.48 3.12
C SER A 11 2.96 6.25 2.22
N ILE A 12 3.99 6.16 1.40
CA ILE A 12 4.08 5.09 0.42
C ILE A 12 4.01 3.74 1.15
N SER A 13 4.84 3.60 2.17
CA SER A 13 4.95 2.35 2.89
C SER A 13 3.56 1.92 3.37
N VAL A 14 2.72 2.91 3.62
CA VAL A 14 1.38 2.64 4.13
C VAL A 14 0.46 2.29 2.96
N LEU A 15 0.19 3.29 2.13
CA LEU A 15 -0.82 3.15 1.09
C LEU A 15 -0.45 1.97 0.19
N LEU A 16 0.84 1.86 -0.10
CA LEU A 16 1.31 0.90 -1.07
C LEU A 16 1.06 -0.52 -0.56
N SER A 17 1.45 -0.73 0.69
CA SER A 17 1.19 -2.01 1.35
C SER A 17 -0.31 -2.25 1.47
N LEU A 18 -1.05 -1.14 1.58
CA LEU A 18 -2.50 -1.21 1.65
C LEU A 18 -3.05 -1.53 0.25
N THR A 19 -2.36 -1.01 -0.74
CA THR A 19 -2.82 -1.16 -2.12
C THR A 19 -2.46 -2.54 -2.66
N VAL A 20 -1.35 -3.06 -2.17
CA VAL A 20 -0.96 -4.42 -2.49
C VAL A 20 -1.89 -5.40 -1.80
N PHE A 21 -2.22 -5.07 -0.55
CA PHE A 21 -3.19 -5.86 0.19
C PHE A 21 -4.59 -5.72 -0.42
N LEU A 22 -4.85 -4.55 -0.96
CA LEU A 22 -6.10 -4.29 -1.65
C LEU A 22 -6.12 -5.09 -2.96
N LEU A 23 -4.95 -5.16 -3.59
CA LEU A 23 -4.79 -5.97 -4.79
C LEU A 23 -5.09 -7.43 -4.45
N VAL A 24 -4.45 -7.90 -3.40
CA VAL A 24 -4.68 -9.26 -2.92
C VAL A 24 -6.18 -9.48 -2.76
N ILE A 25 -6.84 -8.49 -2.17
CA ILE A 25 -8.26 -8.60 -1.90
C ILE A 25 -9.04 -8.67 -3.22
N VAL A 26 -8.60 -7.85 -4.17
CA VAL A 26 -9.29 -7.74 -5.44
C VAL A 26 -9.08 -9.02 -6.25
N GLU A 27 -8.04 -9.75 -5.88
CA GLU A 27 -7.75 -11.02 -6.51
C GLU A 27 -8.62 -12.13 -5.91
N LEU A 28 -8.82 -12.03 -4.60
CA LEU A 28 -9.46 -13.11 -3.86
C LEU A 28 -10.97 -12.91 -3.89
N ILE A 29 -11.37 -11.65 -4.05
CA ILE A 29 -12.78 -11.31 -4.04
C ILE A 29 -13.50 -12.06 -5.16
N PRO A 30 -12.93 -11.95 -6.38
CA PRO A 30 -13.48 -12.65 -7.54
C PRO A 30 -13.17 -14.15 -7.47
N SER A 31 -12.60 -14.56 -6.35
CA SER A 31 -12.34 -15.97 -6.11
C SER A 31 -13.22 -16.49 -4.98
N THR A 32 -14.00 -15.57 -4.41
CA THR A 32 -14.95 -15.94 -3.38
C THR A 32 -16.31 -16.28 -3.99
N NH2 A 33 -17.17 -16.87 -3.16
HN1 NH2 A 33 -16.89 -17.06 -2.18
HN2 NH2 A 33 -18.09 -17.12 -3.50
N PRO A 1 14.34 18.46 10.43
CA PRO A 1 14.58 17.07 10.77
C PRO A 1 13.88 16.13 9.78
N THR A 2 14.45 16.04 8.59
CA THR A 2 13.87 15.20 7.55
C THR A 2 14.97 14.55 6.71
N ASP A 3 14.65 13.37 6.20
CA ASP A 3 15.62 12.61 5.44
C ASP A 3 14.95 12.06 4.19
N SER A 4 15.08 12.81 3.10
CA SER A 4 14.58 12.36 1.81
C SER A 4 13.11 11.95 1.94
N GLY A 5 12.31 12.87 2.47
CA GLY A 5 10.88 12.64 2.60
C GLY A 5 10.58 11.47 3.53
N GLU A 6 10.66 11.77 4.82
CA GLU A 6 10.27 10.79 5.83
C GLU A 6 8.77 10.51 5.74
N LYS A 7 8.00 11.58 5.74
CA LYS A 7 6.55 11.47 5.67
C LYS A 7 6.15 10.82 4.35
N MET A 8 6.83 11.25 3.29
CA MET A 8 6.59 10.69 1.98
C MET A 8 6.82 9.18 1.96
N THR A 9 8.00 8.80 2.44
CA THR A 9 8.38 7.39 2.43
C THR A 9 7.42 6.57 3.29
N LEU A 10 6.94 7.20 4.35
CA LEU A 10 5.96 6.57 5.22
C LEU A 10 4.66 6.37 4.43
N SER A 11 4.27 7.42 3.73
CA SER A 11 3.03 7.38 2.97
C SER A 11 3.07 6.22 1.96
N ILE A 12 4.21 6.08 1.33
CA ILE A 12 4.38 5.03 0.34
C ILE A 12 4.42 3.67 1.04
N SER A 13 5.20 3.62 2.11
CA SER A 13 5.42 2.36 2.81
C SER A 13 4.07 1.76 3.24
N VAL A 14 3.13 2.66 3.54
CA VAL A 14 1.85 2.24 4.06
C VAL A 14 0.87 2.03 2.90
N LEU A 15 0.74 3.07 2.09
CA LEU A 15 -0.29 3.09 1.06
C LEU A 15 0.02 2.02 0.01
N LEU A 16 1.31 1.78 -0.18
CA LEU A 16 1.75 0.82 -1.18
C LEU A 16 1.36 -0.59 -0.72
N SER A 17 1.61 -0.85 0.56
CA SER A 17 1.24 -2.12 1.15
C SER A 17 -0.28 -2.24 1.24
N LEU A 18 -0.93 -1.10 1.40
CA LEU A 18 -2.38 -1.07 1.45
C LEU A 18 -2.95 -1.36 0.06
N THR A 19 -2.26 -0.84 -0.95
CA THR A 19 -2.70 -1.01 -2.33
C THR A 19 -2.46 -2.45 -2.78
N VAL A 20 -1.36 -3.01 -2.33
CA VAL A 20 -1.03 -4.40 -2.62
C VAL A 20 -2.05 -5.30 -1.93
N PHE A 21 -2.32 -4.98 -0.68
CA PHE A 21 -3.29 -5.74 0.09
C PHE A 21 -4.69 -5.60 -0.50
N LEU A 22 -4.98 -4.41 -1.01
CA LEU A 22 -6.23 -4.16 -1.70
C LEU A 22 -6.29 -5.02 -2.97
N LEU A 23 -5.16 -5.07 -3.65
CA LEU A 23 -5.04 -5.93 -4.83
C LEU A 23 -5.33 -7.38 -4.44
N VAL A 24 -4.69 -7.81 -3.37
CA VAL A 24 -4.83 -9.18 -2.91
C VAL A 24 -6.31 -9.46 -2.64
N ILE A 25 -7.00 -8.44 -2.15
CA ILE A 25 -8.40 -8.56 -1.83
C ILE A 25 -9.21 -8.69 -3.13
N VAL A 26 -8.80 -7.91 -4.12
CA VAL A 26 -9.50 -7.89 -5.39
C VAL A 26 -9.24 -9.21 -6.13
N GLU A 27 -8.18 -9.89 -5.71
CA GLU A 27 -7.89 -11.21 -6.24
C GLU A 27 -8.79 -12.26 -5.61
N LEU A 28 -8.96 -12.15 -4.30
CA LEU A 28 -9.65 -13.18 -3.54
C LEU A 28 -11.15 -13.02 -3.74
N ILE A 29 -11.58 -11.77 -3.88
CA ILE A 29 -12.99 -11.47 -4.06
C ILE A 29 -13.56 -12.40 -5.13
N PRO A 30 -12.93 -12.36 -6.33
CA PRO A 30 -13.23 -13.34 -7.36
C PRO A 30 -12.60 -14.69 -7.03
N SER A 31 -13.30 -15.46 -6.23
CA SER A 31 -12.86 -16.81 -5.90
C SER A 31 -14.02 -17.60 -5.28
N THR A 32 -14.65 -16.98 -4.30
CA THR A 32 -15.83 -17.58 -3.68
C THR A 32 -15.70 -19.11 -3.64
N NH2 A 33 -14.52 -19.56 -3.23
HN1 NH2 A 33 -13.78 -18.89 -2.97
HN2 NH2 A 33 -14.35 -20.57 -3.17
N PRO A 1 15.43 6.77 10.98
CA PRO A 1 15.83 6.28 9.68
C PRO A 1 15.35 7.20 8.56
N THR A 2 16.30 7.89 7.95
CA THR A 2 15.99 8.81 6.87
C THR A 2 16.12 8.12 5.51
N ASP A 3 15.04 8.18 4.75
CA ASP A 3 15.00 7.50 3.47
C ASP A 3 14.69 8.51 2.35
N SER A 4 15.00 9.76 2.64
CA SER A 4 14.88 10.80 1.63
C SER A 4 13.45 11.33 1.58
N GLY A 5 12.51 10.40 1.48
CA GLY A 5 11.11 10.76 1.42
C GLY A 5 10.55 11.06 2.81
N GLU A 6 11.05 10.31 3.78
CA GLU A 6 10.67 10.55 5.17
C GLU A 6 9.19 10.24 5.37
N LYS A 7 8.49 11.22 5.93
CA LYS A 7 7.05 11.12 6.08
C LYS A 7 6.43 10.64 4.77
N MET A 8 7.02 11.08 3.68
CA MET A 8 6.54 10.72 2.36
C MET A 8 6.76 9.23 2.10
N THR A 9 7.93 8.75 2.47
CA THR A 9 8.27 7.35 2.32
C THR A 9 7.32 6.49 3.16
N LEU A 10 6.93 7.03 4.30
CA LEU A 10 5.97 6.36 5.16
C LEU A 10 4.63 6.25 4.44
N SER A 11 4.26 7.34 3.78
CA SER A 11 3.02 7.38 3.03
C SER A 11 3.02 6.27 1.98
N ILE A 12 4.17 6.07 1.37
CA ILE A 12 4.32 5.01 0.38
C ILE A 12 4.26 3.65 1.08
N SER A 13 5.00 3.54 2.17
CA SER A 13 5.13 2.28 2.87
C SER A 13 3.75 1.77 3.30
N VAL A 14 2.86 2.72 3.56
CA VAL A 14 1.54 2.41 4.06
C VAL A 14 0.58 2.22 2.88
N LEU A 15 0.51 3.26 2.06
CA LEU A 15 -0.49 3.31 1.00
C LEU A 15 -0.20 2.21 -0.02
N LEU A 16 1.08 1.99 -0.26
CA LEU A 16 1.50 1.00 -1.24
C LEU A 16 1.14 -0.40 -0.73
N SER A 17 1.40 -0.60 0.55
CA SER A 17 1.07 -1.88 1.19
C SER A 17 -0.45 -2.04 1.25
N LEU A 18 -1.13 -0.92 1.40
CA LEU A 18 -2.58 -0.92 1.42
C LEU A 18 -3.11 -1.27 0.03
N THR A 19 -2.48 -0.69 -0.98
CA THR A 19 -2.90 -0.90 -2.35
C THR A 19 -2.61 -2.34 -2.77
N VAL A 20 -1.49 -2.86 -2.30
CA VAL A 20 -1.11 -4.24 -2.58
C VAL A 20 -2.10 -5.18 -1.86
N PHE A 21 -2.41 -4.83 -0.63
CA PHE A 21 -3.36 -5.60 0.16
C PHE A 21 -4.76 -5.53 -0.46
N LEU A 22 -5.06 -4.37 -1.03
CA LEU A 22 -6.32 -4.18 -1.72
C LEU A 22 -6.33 -5.02 -3.00
N LEU A 23 -5.18 -5.04 -3.67
CA LEU A 23 -5.01 -5.87 -4.84
C LEU A 23 -5.21 -7.33 -4.45
N VAL A 24 -4.54 -7.73 -3.37
CA VAL A 24 -4.64 -9.09 -2.89
C VAL A 24 -6.11 -9.44 -2.63
N ILE A 25 -6.87 -8.41 -2.27
CA ILE A 25 -8.28 -8.59 -1.97
C ILE A 25 -9.06 -8.69 -3.28
N VAL A 26 -8.59 -7.96 -4.27
CA VAL A 26 -9.21 -7.99 -5.59
C VAL A 26 -8.92 -9.33 -6.25
N GLU A 27 -7.91 -10.01 -5.72
CA GLU A 27 -7.61 -11.36 -6.17
C GLU A 27 -8.54 -12.37 -5.49
N LEU A 28 -8.67 -12.22 -4.19
CA LEU A 28 -9.34 -13.23 -3.38
C LEU A 28 -10.85 -13.09 -3.54
N ILE A 29 -11.27 -11.89 -3.88
CA ILE A 29 -12.69 -11.60 -4.01
C ILE A 29 -13.27 -12.44 -5.15
N PRO A 30 -12.60 -12.36 -6.34
CA PRO A 30 -12.97 -13.19 -7.46
C PRO A 30 -12.49 -14.63 -7.26
N SER A 31 -12.02 -14.90 -6.05
CA SER A 31 -11.65 -16.26 -5.69
C SER A 31 -12.48 -16.72 -4.49
N THR A 32 -13.42 -15.88 -4.11
CA THR A 32 -14.35 -16.23 -3.04
C THR A 32 -13.67 -17.11 -2.00
N NH2 A 33 -12.69 -16.53 -1.32
HN1 NH2 A 33 -12.46 -15.54 -1.50
HN2 NH2 A 33 -12.18 -17.06 -0.60
N PRO A 1 18.68 8.75 -1.07
CA PRO A 1 17.32 8.28 -0.85
C PRO A 1 17.02 8.16 0.64
N THR A 2 15.73 7.97 0.94
CA THR A 2 15.29 7.91 2.32
C THR A 2 16.05 8.92 3.17
N ASP A 3 15.65 10.18 3.04
CA ASP A 3 16.32 11.25 3.77
C ASP A 3 15.51 12.54 3.61
N SER A 4 15.23 12.89 2.36
CA SER A 4 14.56 14.13 2.05
C SER A 4 13.12 14.09 2.58
N GLY A 5 12.33 13.24 1.95
CA GLY A 5 10.91 13.16 2.27
C GLY A 5 10.69 12.49 3.63
N GLU A 6 10.79 11.17 3.63
CA GLU A 6 10.74 10.41 4.86
C GLU A 6 9.30 10.19 5.30
N LYS A 7 8.61 11.30 5.53
CA LYS A 7 7.19 11.24 5.81
C LYS A 7 6.43 10.78 4.57
N MET A 8 6.87 11.28 3.43
CA MET A 8 6.29 10.89 2.15
C MET A 8 6.49 9.39 1.90
N THR A 9 7.65 8.91 2.31
CA THR A 9 7.99 7.52 2.10
C THR A 9 7.20 6.62 3.06
N LEU A 10 7.05 7.11 4.29
CA LEU A 10 6.11 6.52 5.22
C LEU A 10 4.75 6.35 4.52
N SER A 11 4.37 7.38 3.79
CA SER A 11 3.14 7.33 3.01
C SER A 11 3.15 6.09 2.11
N ILE A 12 4.21 5.98 1.31
CA ILE A 12 4.32 4.87 0.38
C ILE A 12 4.20 3.55 1.13
N SER A 13 4.99 3.43 2.19
CA SER A 13 5.00 2.20 2.98
C SER A 13 3.58 1.84 3.41
N VAL A 14 2.77 2.87 3.57
CA VAL A 14 1.40 2.68 4.03
C VAL A 14 0.51 2.33 2.84
N LEU A 15 0.31 3.32 1.98
CA LEU A 15 -0.67 3.21 0.91
C LEU A 15 -0.33 2.01 0.04
N LEU A 16 0.96 1.85 -0.22
CA LEU A 16 1.43 0.87 -1.18
C LEU A 16 1.15 -0.53 -0.64
N SER A 17 1.51 -0.72 0.62
CA SER A 17 1.23 -1.98 1.30
C SER A 17 -0.28 -2.19 1.43
N LEU A 18 -0.99 -1.07 1.52
CA LEU A 18 -2.45 -1.12 1.57
C LEU A 18 -2.99 -1.45 0.18
N THR A 19 -2.29 -0.96 -0.83
CA THR A 19 -2.72 -1.16 -2.20
C THR A 19 -2.39 -2.58 -2.67
N VAL A 20 -1.29 -3.11 -2.15
CA VAL A 20 -0.93 -4.49 -2.41
C VAL A 20 -1.91 -5.42 -1.71
N PHE A 21 -2.25 -5.05 -0.48
CA PHE A 21 -3.24 -5.79 0.27
C PHE A 21 -4.64 -5.64 -0.35
N LEU A 22 -4.86 -4.47 -0.92
CA LEU A 22 -6.10 -4.21 -1.64
C LEU A 22 -6.12 -5.03 -2.93
N LEU A 23 -4.94 -5.17 -3.53
CA LEU A 23 -4.79 -6.00 -4.71
C LEU A 23 -5.11 -7.45 -4.34
N VAL A 24 -4.52 -7.89 -3.23
CA VAL A 24 -4.75 -9.25 -2.76
C VAL A 24 -6.26 -9.49 -2.60
N ILE A 25 -6.94 -8.44 -2.15
CA ILE A 25 -8.37 -8.54 -1.89
C ILE A 25 -9.12 -8.61 -3.22
N VAL A 26 -8.67 -7.78 -4.16
CA VAL A 26 -9.33 -7.69 -5.45
C VAL A 26 -9.09 -8.98 -6.23
N GLU A 27 -8.07 -9.72 -5.80
CA GLU A 27 -7.76 -11.00 -6.42
C GLU A 27 -8.66 -12.09 -5.84
N LEU A 28 -8.83 -12.04 -4.53
CA LEU A 28 -9.53 -13.11 -3.83
C LEU A 28 -11.03 -12.96 -4.03
N ILE A 29 -11.46 -11.70 -4.08
CA ILE A 29 -12.87 -11.40 -4.27
C ILE A 29 -13.42 -12.26 -5.41
N PRO A 30 -12.77 -12.14 -6.59
CA PRO A 30 -13.06 -13.03 -7.71
C PRO A 30 -12.43 -14.41 -7.47
N SER A 31 -13.14 -15.22 -6.68
CA SER A 31 -12.72 -16.58 -6.45
C SER A 31 -13.93 -17.44 -6.03
N THR A 32 -14.65 -16.94 -5.04
CA THR A 32 -15.88 -17.58 -4.62
C THR A 32 -15.77 -19.10 -4.78
N NH2 A 33 -16.09 -19.56 -5.98
HN1 NH2 A 33 -16.39 -18.91 -6.72
HN2 NH2 A 33 -16.04 -20.57 -6.17
N PRO A 1 21.35 13.47 5.70
CA PRO A 1 20.45 12.51 5.07
C PRO A 1 19.32 12.12 6.03
N THR A 2 18.34 11.44 5.48
CA THR A 2 17.20 10.99 6.26
C THR A 2 16.57 9.74 5.63
N ASP A 3 15.31 9.52 5.97
CA ASP A 3 14.60 8.34 5.49
C ASP A 3 13.93 8.65 4.16
N SER A 4 14.60 9.48 3.37
CA SER A 4 14.16 9.73 2.01
C SER A 4 12.74 10.30 2.00
N GLY A 5 12.59 11.45 2.64
CA GLY A 5 11.33 12.17 2.60
C GLY A 5 10.55 11.95 3.91
N GLU A 6 10.93 10.91 4.62
CA GLU A 6 10.32 10.63 5.91
C GLU A 6 8.82 10.40 5.76
N LYS A 7 8.07 11.49 5.81
CA LYS A 7 6.62 11.41 5.77
C LYS A 7 6.19 10.79 4.44
N MET A 8 6.93 11.15 3.39
CA MET A 8 6.66 10.61 2.07
C MET A 8 6.85 9.09 2.06
N THR A 9 8.02 8.67 2.48
CA THR A 9 8.36 7.26 2.47
C THR A 9 7.39 6.46 3.33
N LEU A 10 6.93 7.10 4.39
CA LEU A 10 5.93 6.49 5.26
C LEU A 10 4.62 6.33 4.49
N SER A 11 4.25 7.40 3.79
CA SER A 11 3.01 7.41 3.04
C SER A 11 3.03 6.31 1.98
N ILE A 12 4.20 6.12 1.39
CA ILE A 12 4.38 5.08 0.39
C ILE A 12 4.32 3.70 1.08
N SER A 13 5.07 3.59 2.16
CA SER A 13 5.18 2.32 2.86
C SER A 13 3.78 1.83 3.25
N VAL A 14 2.91 2.78 3.56
CA VAL A 14 1.58 2.46 4.04
C VAL A 14 0.67 2.23 2.84
N LEU A 15 0.56 3.25 2.00
CA LEU A 15 -0.43 3.25 0.94
C LEU A 15 -0.10 2.13 -0.05
N LEU A 16 1.19 1.98 -0.32
CA LEU A 16 1.64 1.01 -1.30
C LEU A 16 1.26 -0.40 -0.82
N SER A 17 1.55 -0.65 0.44
CA SER A 17 1.27 -1.96 1.03
C SER A 17 -0.25 -2.16 1.13
N LEU A 18 -0.94 -1.05 1.34
CA LEU A 18 -2.39 -1.07 1.40
C LEU A 18 -2.95 -1.41 0.02
N THR A 19 -2.33 -0.84 -1.00
CA THR A 19 -2.78 -1.03 -2.37
C THR A 19 -2.46 -2.45 -2.83
N VAL A 20 -1.30 -2.94 -2.41
CA VAL A 20 -0.89 -4.29 -2.73
C VAL A 20 -1.84 -5.29 -2.04
N PHE A 21 -2.16 -4.98 -0.80
CA PHE A 21 -3.10 -5.79 -0.05
C PHE A 21 -4.50 -5.70 -0.65
N LEU A 22 -4.84 -4.50 -1.11
CA LEU A 22 -6.12 -4.28 -1.76
C LEU A 22 -6.16 -5.06 -3.08
N LEU A 23 -4.99 -5.15 -3.71
CA LEU A 23 -4.85 -5.97 -4.89
C LEU A 23 -5.17 -7.43 -4.55
N VAL A 24 -4.51 -7.91 -3.51
CA VAL A 24 -4.73 -9.26 -3.04
C VAL A 24 -6.22 -9.47 -2.75
N ILE A 25 -6.83 -8.44 -2.19
CA ILE A 25 -8.21 -8.52 -1.77
C ILE A 25 -9.10 -8.69 -3.00
N VAL A 26 -8.85 -7.87 -3.99
CA VAL A 26 -9.60 -7.92 -5.24
C VAL A 26 -9.38 -9.28 -5.90
N GLU A 27 -8.23 -9.87 -5.60
CA GLU A 27 -7.91 -11.19 -6.11
C GLU A 27 -8.81 -12.25 -5.45
N LEU A 28 -9.03 -12.07 -4.16
CA LEU A 28 -9.74 -13.07 -3.38
C LEU A 28 -11.24 -12.87 -3.55
N ILE A 29 -11.62 -11.63 -3.84
CA ILE A 29 -13.02 -11.30 -4.02
C ILE A 29 -13.69 -12.34 -4.92
N PRO A 30 -13.10 -12.51 -6.13
CA PRO A 30 -13.51 -13.58 -7.02
C PRO A 30 -12.97 -14.93 -6.52
N SER A 31 -13.50 -15.37 -5.41
CA SER A 31 -13.10 -16.64 -4.82
C SER A 31 -13.85 -16.90 -3.52
N THR A 32 -13.80 -15.92 -2.64
CA THR A 32 -14.41 -16.06 -1.34
C THR A 32 -14.02 -17.38 -0.68
N NH2 A 33 -14.03 -17.38 0.65
HN1 NH2 A 33 -14.28 -16.53 1.16
HN2 NH2 A 33 -13.77 -18.24 1.16
N PRO A 1 16.05 19.07 7.70
CA PRO A 1 14.71 19.18 7.17
C PRO A 1 14.21 17.81 6.68
N THR A 2 14.28 16.84 7.57
CA THR A 2 13.89 15.48 7.22
C THR A 2 14.82 14.92 6.14
N ASP A 3 14.76 13.61 5.99
CA ASP A 3 15.68 12.92 5.09
C ASP A 3 15.12 12.96 3.66
N SER A 4 14.66 14.14 3.27
CA SER A 4 14.24 14.36 1.89
C SER A 4 12.76 13.98 1.74
N GLY A 5 12.42 12.82 2.28
CA GLY A 5 11.07 12.31 2.17
C GLY A 5 10.82 11.17 3.16
N GLU A 6 10.83 11.53 4.44
CA GLU A 6 10.48 10.58 5.48
C GLU A 6 8.97 10.36 5.52
N LYS A 7 8.24 11.46 5.62
CA LYS A 7 6.79 11.41 5.59
C LYS A 7 6.34 10.76 4.28
N MET A 8 7.08 11.06 3.22
CA MET A 8 6.79 10.49 1.91
C MET A 8 6.94 8.97 1.92
N THR A 9 8.11 8.53 2.37
CA THR A 9 8.41 7.11 2.42
C THR A 9 7.40 6.38 3.31
N LEU A 10 7.04 7.04 4.41
CA LEU A 10 6.04 6.50 5.31
C LEU A 10 4.71 6.35 4.56
N SER A 11 4.35 7.42 3.86
CA SER A 11 3.12 7.40 3.07
C SER A 11 3.11 6.20 2.13
N ILE A 12 4.14 6.12 1.30
CA ILE A 12 4.23 5.08 0.29
C ILE A 12 4.15 3.71 0.97
N SER A 13 4.99 3.54 1.99
CA SER A 13 5.09 2.27 2.68
C SER A 13 3.72 1.84 3.19
N VAL A 14 2.88 2.83 3.45
CA VAL A 14 1.56 2.58 3.98
C VAL A 14 0.61 2.25 2.83
N LEU A 15 0.34 3.27 2.03
CA LEU A 15 -0.69 3.17 1.00
C LEU A 15 -0.36 1.99 0.07
N LEU A 16 0.92 1.86 -0.23
CA LEU A 16 1.36 0.90 -1.22
C LEU A 16 1.11 -0.52 -0.69
N SER A 17 1.44 -0.70 0.58
CA SER A 17 1.17 -1.96 1.25
C SER A 17 -0.35 -2.16 1.37
N LEU A 18 -1.06 -1.05 1.49
CA LEU A 18 -2.51 -1.10 1.56
C LEU A 18 -3.07 -1.39 0.17
N THR A 19 -2.36 -0.92 -0.83
CA THR A 19 -2.82 -1.05 -2.21
C THR A 19 -2.48 -2.45 -2.75
N VAL A 20 -1.37 -2.98 -2.26
CA VAL A 20 -0.99 -4.35 -2.58
C VAL A 20 -1.93 -5.32 -1.85
N PHE A 21 -2.29 -4.95 -0.63
CA PHE A 21 -3.26 -5.71 0.13
C PHE A 21 -4.66 -5.57 -0.48
N LEU A 22 -4.90 -4.39 -1.03
CA LEU A 22 -6.15 -4.15 -1.74
C LEU A 22 -6.19 -4.99 -3.01
N LEU A 23 -5.05 -5.03 -3.69
CA LEU A 23 -4.91 -5.87 -4.86
C LEU A 23 -5.19 -7.33 -4.49
N VAL A 24 -4.49 -7.78 -3.46
CA VAL A 24 -4.68 -9.13 -2.97
C VAL A 24 -6.17 -9.36 -2.69
N ILE A 25 -6.80 -8.34 -2.11
CA ILE A 25 -8.20 -8.44 -1.74
C ILE A 25 -9.03 -8.66 -3.01
N VAL A 26 -8.73 -7.86 -4.02
CA VAL A 26 -9.52 -7.88 -5.25
C VAL A 26 -9.25 -9.18 -6.01
N GLU A 27 -8.12 -9.80 -5.67
CA GLU A 27 -7.76 -11.07 -6.29
C GLU A 27 -8.57 -12.21 -5.66
N LEU A 28 -8.79 -12.09 -4.35
CA LEU A 28 -9.51 -13.12 -3.63
C LEU A 28 -10.97 -13.15 -4.07
N ILE A 29 -11.47 -11.97 -4.40
CA ILE A 29 -12.89 -11.81 -4.66
C ILE A 29 -13.37 -12.94 -5.57
N PRO A 30 -12.83 -12.96 -6.80
CA PRO A 30 -12.99 -14.10 -7.69
C PRO A 30 -12.09 -15.26 -7.23
N SER A 31 -12.52 -15.91 -6.16
CA SER A 31 -11.83 -17.09 -5.68
C SER A 31 -12.52 -17.63 -4.42
N THR A 32 -12.72 -16.73 -3.46
CA THR A 32 -13.30 -17.11 -2.19
C THR A 32 -12.84 -18.51 -1.79
N NH2 A 33 -13.67 -19.17 -1.01
HN1 NH2 A 33 -14.57 -18.74 -0.72
HN2 NH2 A 33 -13.44 -20.13 -0.68
N PRO A 1 18.02 11.87 10.24
CA PRO A 1 18.50 10.72 9.51
C PRO A 1 17.98 10.73 8.07
N THR A 2 16.68 10.94 7.95
CA THR A 2 16.04 10.90 6.65
C THR A 2 16.14 9.50 6.04
N ASP A 3 14.99 8.88 5.85
CA ASP A 3 14.94 7.53 5.30
C ASP A 3 15.14 7.62 3.79
N SER A 4 14.11 8.09 3.10
CA SER A 4 14.16 8.23 1.66
C SER A 4 12.91 8.95 1.16
N GLY A 5 12.52 9.98 1.90
CA GLY A 5 11.32 10.73 1.58
C GLY A 5 10.58 11.16 2.84
N GLU A 6 10.90 10.48 3.93
CA GLU A 6 10.39 10.87 5.23
C GLU A 6 8.88 10.61 5.32
N LYS A 7 8.16 11.66 5.67
CA LYS A 7 6.71 11.59 5.69
C LYS A 7 6.21 10.92 4.41
N MET A 8 6.90 11.23 3.32
CA MET A 8 6.58 10.62 2.04
C MET A 8 6.83 9.11 2.07
N THR A 9 8.02 8.74 2.50
CA THR A 9 8.39 7.34 2.58
C THR A 9 7.37 6.56 3.41
N LEU A 10 6.88 7.22 4.46
CA LEU A 10 5.88 6.60 5.31
C LEU A 10 4.59 6.38 4.52
N SER A 11 4.18 7.44 3.84
CA SER A 11 2.93 7.40 3.09
C SER A 11 2.98 6.27 2.05
N ILE A 12 4.16 6.10 1.47
CA ILE A 12 4.36 5.06 0.48
C ILE A 12 4.36 3.69 1.18
N SER A 13 5.14 3.61 2.25
CA SER A 13 5.33 2.36 2.96
C SER A 13 3.97 1.79 3.37
N VAL A 14 3.02 2.69 3.58
CA VAL A 14 1.72 2.31 4.07
C VAL A 14 0.77 2.10 2.88
N LEU A 15 0.65 3.14 2.07
CA LEU A 15 -0.37 3.16 1.03
C LEU A 15 -0.04 2.07 0.00
N LEU A 16 1.25 1.89 -0.24
CA LEU A 16 1.70 0.92 -1.22
C LEU A 16 1.33 -0.48 -0.75
N SER A 17 1.62 -0.74 0.52
CA SER A 17 1.29 -2.03 1.12
C SER A 17 -0.23 -2.18 1.20
N LEU A 18 -0.91 -1.06 1.37
CA LEU A 18 -2.36 -1.05 1.43
C LEU A 18 -2.92 -1.39 0.06
N THR A 19 -2.26 -0.85 -0.97
CA THR A 19 -2.70 -1.07 -2.34
C THR A 19 -2.45 -2.52 -2.76
N VAL A 20 -1.33 -3.05 -2.29
CA VAL A 20 -1.00 -4.44 -2.56
C VAL A 20 -2.01 -5.35 -1.86
N PHE A 21 -2.29 -5.02 -0.61
CA PHE A 21 -3.25 -5.76 0.18
C PHE A 21 -4.66 -5.64 -0.42
N LEU A 22 -4.93 -4.45 -0.96
CA LEU A 22 -6.20 -4.22 -1.62
C LEU A 22 -6.26 -5.05 -2.91
N LEU A 23 -5.10 -5.15 -3.56
CA LEU A 23 -4.99 -5.99 -4.74
C LEU A 23 -5.29 -7.44 -4.37
N VAL A 24 -4.66 -7.88 -3.29
CA VAL A 24 -4.83 -9.25 -2.84
C VAL A 24 -6.32 -9.53 -2.62
N ILE A 25 -7.01 -8.50 -2.13
CA ILE A 25 -8.43 -8.65 -1.83
C ILE A 25 -9.22 -8.71 -3.14
N VAL A 26 -8.82 -7.87 -4.08
CA VAL A 26 -9.52 -7.79 -5.36
C VAL A 26 -9.27 -9.08 -6.16
N GLU A 27 -8.22 -9.78 -5.76
CA GLU A 27 -7.90 -11.06 -6.38
C GLU A 27 -8.78 -12.17 -5.79
N LEU A 28 -8.90 -12.15 -4.47
CA LEU A 28 -9.53 -13.24 -3.76
C LEU A 28 -11.05 -13.12 -3.91
N ILE A 29 -11.52 -11.87 -3.99
CA ILE A 29 -12.94 -11.61 -4.16
C ILE A 29 -13.48 -12.50 -5.28
N PRO A 30 -12.87 -12.35 -6.49
CA PRO A 30 -13.14 -13.27 -7.59
C PRO A 30 -12.43 -14.61 -7.36
N SER A 31 -13.10 -15.47 -6.60
CA SER A 31 -12.58 -16.80 -6.35
C SER A 31 -13.69 -17.70 -5.81
N THR A 32 -14.35 -17.22 -4.76
CA THR A 32 -15.48 -17.93 -4.21
C THR A 32 -15.18 -19.43 -4.11
N NH2 A 33 -13.92 -19.73 -3.83
HN1 NH2 A 33 -13.23 -18.98 -3.71
HN2 NH2 A 33 -13.64 -20.72 -3.75
#